data_3OZX
#
_entry.id   3OZX
#
_cell.length_a   58.374
_cell.length_b   63.656
_cell.length_c   81.778
_cell.angle_alpha   89.15
_cell.angle_beta   84.47
_cell.angle_gamma   69.82
#
_symmetry.space_group_name_H-M   'P 1'
#
loop_
_entity.id
_entity.type
_entity.pdbx_description
1 polymer 'RNase L inhibitor'
2 non-polymer 'MAGNESIUM ION'
3 non-polymer "ADENOSINE-5'-DIPHOSPHATE"
4 non-polymer 'PHOSPHATE ION'
5 water water
#
_entity_poly.entity_id   1
_entity_poly.type   'polypeptide(L)'
_entity_poly.pdbx_seq_one_letter_code
;MEGEVIHRYKVNGFKLFGLPTPKNNTILGVLGKNGVGKTTVLKILAGEIIPNFGDPNSKVGKDEVLKRFRGKEIYNYFKE
LYSNELKIVHKIQYVEYASKFLKGTVNEILTKIDERGKKDEVKELLNMTNLWNKDANILSGGGLQRLLVAASLLREADVY
IFDQPSSYLDVRERMNMAKAIRELLKNKYVIVVDHDLIVLDYLTDLIHIIYGESSVYGRVSKSYAARVGINNFLKGYLPA
ENMKIRPDEIKFMLKEVSDLDLSKDLKTKMKWTKIIKKLGDFQLVVDNGEAKEGEIIGILGPNGIGKTTFARILVGEITA
DEGSVTPEKQILSYKPQRIFPNYDGTVQQYLENASKDALSTSSWFFEEVTKRLNLHRLLESNVNDLSGGELQKLYIAATL
AKEADLYVLDQPSSYLDVEERYIVAKAIKRVTRERKAVTFIIDHDLSIHDYIADRIIVFKGEPEKAGLATSPVTLKTGMN
EFLRELEVTFRRDAETGRPRVNKIGSYLDRVQKERGDYYSMVLSTQGSIEGRHHHHHH
;
_entity_poly.pdbx_strand_id   A,B
#
loop_
_chem_comp.id
_chem_comp.type
_chem_comp.name
_chem_comp.formula
ADP non-polymer ADENOSINE-5'-DIPHOSPHATE 'C10 H15 N5 O10 P2'
MG non-polymer 'MAGNESIUM ION' 'Mg 2'
PO4 non-polymer 'PHOSPHATE ION' 'O4 P -3'
#
# COMPACT_ATOMS: atom_id res chain seq x y z
N GLU A 2 5.46 36.98 -41.53
CA GLU A 2 4.46 36.87 -42.63
C GLU A 2 3.14 36.36 -42.10
N GLY A 3 2.05 36.90 -42.62
CA GLY A 3 0.71 36.54 -42.11
C GLY A 3 0.09 37.68 -41.34
N GLU A 4 -1.05 37.40 -40.69
CA GLU A 4 -1.89 38.42 -40.06
C GLU A 4 -1.66 38.52 -38.53
N VAL A 5 -1.05 39.61 -38.07
CA VAL A 5 -0.75 39.79 -36.63
C VAL A 5 -2.01 40.13 -35.85
N ILE A 6 -2.27 39.34 -34.83
CA ILE A 6 -3.42 39.53 -33.97
C ILE A 6 -3.15 40.61 -32.93
N HIS A 7 -1.93 40.66 -32.43
CA HIS A 7 -1.62 41.56 -31.34
C HIS A 7 -0.14 41.71 -31.23
N ARG A 8 0.26 42.89 -30.83
CA ARG A 8 1.66 43.24 -30.61
C ARG A 8 1.64 44.17 -29.43
N TYR A 9 2.48 43.89 -28.42
CA TYR A 9 2.47 44.75 -27.21
C TYR A 9 3.18 46.03 -27.39
N LYS A 10 4.24 46.04 -28.19
CA LYS A 10 5.00 47.25 -28.48
C LYS A 10 5.76 47.09 -29.79
N VAL A 11 6.15 48.20 -30.38
CA VAL A 11 6.98 48.18 -31.60
C VAL A 11 8.22 47.33 -31.34
N ASN A 12 8.53 46.46 -32.29
CA ASN A 12 9.65 45.52 -32.14
C ASN A 12 9.52 44.54 -30.97
N GLY A 13 8.35 44.46 -30.35
CA GLY A 13 8.13 43.49 -29.27
C GLY A 13 7.48 42.21 -29.77
N PHE A 14 7.08 41.38 -28.82
CA PHE A 14 6.43 40.12 -29.13
C PHE A 14 5.18 40.32 -30.00
N LYS A 15 4.98 39.46 -30.96
CA LYS A 15 3.78 39.53 -31.84
C LYS A 15 3.10 38.18 -31.83
N LEU A 16 1.77 38.19 -31.85
CA LEU A 16 0.98 36.96 -31.88
C LEU A 16 0.25 36.86 -33.24
N PHE A 17 0.31 35.67 -33.85
CA PHE A 17 -0.43 35.36 -35.10
C PHE A 17 -1.51 34.33 -34.73
N GLY A 18 -2.76 34.61 -35.07
CA GLY A 18 -3.86 33.64 -34.92
C GLY A 18 -4.46 33.54 -33.52
N LEU A 19 -5.67 32.99 -33.45
CA LEU A 19 -6.36 32.71 -32.19
C LEU A 19 -7.13 31.43 -32.32
N PRO A 20 -7.17 30.65 -31.26
CA PRO A 20 -8.05 29.51 -31.23
C PRO A 20 -9.49 29.95 -31.00
N THR A 21 -10.43 29.35 -31.72
CA THR A 21 -11.85 29.59 -31.48
C THR A 21 -12.36 28.71 -30.35
N PRO A 22 -12.90 29.29 -29.28
CA PRO A 22 -13.57 28.43 -28.27
C PRO A 22 -14.75 27.66 -28.86
N LYS A 23 -15.05 26.49 -28.30
CA LYS A 23 -16.14 25.68 -28.81
C LYS A 23 -17.00 25.25 -27.65
N ASN A 24 -18.32 25.34 -27.81
CA ASN A 24 -19.21 25.06 -26.68
C ASN A 24 -19.20 23.59 -26.40
N ASN A 25 -19.52 23.26 -25.14
CA ASN A 25 -19.53 21.87 -24.64
C ASN A 25 -18.24 21.15 -24.93
N THR A 26 -17.12 21.87 -24.95
CA THR A 26 -15.84 21.30 -25.37
C THR A 26 -14.72 21.83 -24.49
N ILE A 27 -13.72 21.00 -24.24
CA ILE A 27 -12.56 21.46 -23.53
C ILE A 27 -11.37 21.54 -24.48
N LEU A 28 -10.90 22.76 -24.64
CA LEU A 28 -9.91 23.09 -25.65
C LEU A 28 -8.59 23.27 -24.92
N GLY A 29 -7.57 22.54 -25.30
CA GLY A 29 -6.26 22.65 -24.67
C GLY A 29 -5.39 23.53 -25.52
N VAL A 30 -4.51 24.30 -24.87
CA VAL A 30 -3.49 25.09 -25.55
C VAL A 30 -2.11 24.70 -24.97
N LEU A 31 -1.21 24.36 -25.86
CA LEU A 31 0.04 23.80 -25.45
C LEU A 31 1.18 24.43 -26.20
N GLY A 32 2.26 24.73 -25.49
CA GLY A 32 3.52 25.20 -26.08
C GLY A 32 4.46 25.70 -24.98
N LYS A 33 5.70 25.93 -25.36
CA LYS A 33 6.70 26.51 -24.49
C LYS A 33 6.28 27.90 -24.05
N ASN A 34 6.88 28.40 -22.97
CA ASN A 34 6.66 29.75 -22.53
C ASN A 34 7.19 30.84 -23.46
N GLY A 35 6.59 32.01 -23.30
CA GLY A 35 7.05 33.21 -23.98
C GLY A 35 6.50 33.31 -25.39
N VAL A 36 5.61 32.37 -25.79
CA VAL A 36 4.99 32.38 -27.15
C VAL A 36 3.53 32.89 -27.24
N GLY A 37 2.94 33.40 -26.16
CA GLY A 37 1.61 34.04 -26.26
C GLY A 37 0.43 33.25 -25.70
N LYS A 38 0.69 32.20 -24.93
CA LYS A 38 -0.43 31.38 -24.43
C LYS A 38 -1.28 32.27 -23.54
N THR A 39 -0.64 32.93 -22.59
CA THR A 39 -1.41 33.80 -21.68
C THR A 39 -2.09 34.98 -22.40
N THR A 40 -1.36 35.58 -23.35
CA THR A 40 -1.94 36.61 -24.24
C THR A 40 -3.23 36.08 -24.92
N VAL A 41 -3.19 34.89 -25.46
CA VAL A 41 -4.36 34.26 -26.16
C VAL A 41 -5.56 34.18 -25.19
N LEU A 42 -5.28 33.73 -23.95
CA LEU A 42 -6.32 33.57 -22.97
C LEU A 42 -6.91 34.92 -22.58
N LYS A 43 -6.06 35.91 -22.48
CA LYS A 43 -6.52 37.22 -22.06
C LYS A 43 -7.35 37.90 -23.16
N ILE A 44 -6.93 37.69 -24.39
CA ILE A 44 -7.78 37.99 -25.54
C ILE A 44 -9.13 37.28 -25.50
N LEU A 45 -9.14 35.96 -25.32
CA LEU A 45 -10.40 35.20 -25.23
C LEU A 45 -11.33 35.60 -24.07
N ALA A 46 -10.73 36.01 -22.97
CA ALA A 46 -11.40 36.41 -21.76
C ALA A 46 -11.93 37.85 -21.86
N GLY A 47 -11.53 38.58 -22.90
CA GLY A 47 -11.93 39.97 -23.09
C GLY A 47 -11.14 41.02 -22.29
N GLU A 48 -10.01 40.62 -21.70
CA GLU A 48 -9.17 41.53 -20.88
C GLU A 48 -8.23 42.39 -21.73
N ILE A 49 -7.79 41.80 -22.84
CA ILE A 49 -7.06 42.51 -23.90
C ILE A 49 -7.87 42.50 -25.21
N ILE A 50 -7.97 43.67 -25.85
CA ILE A 50 -8.65 43.87 -27.14
C ILE A 50 -7.57 43.73 -28.22
N PRO A 51 -7.68 42.75 -29.13
CA PRO A 51 -6.57 42.62 -30.08
C PRO A 51 -6.22 43.93 -30.80
N ASN A 52 -4.95 44.30 -30.91
CA ASN A 52 -4.62 45.51 -31.67
C ASN A 52 -4.13 45.27 -33.09
N PHE A 53 -4.16 44.02 -33.54
CA PHE A 53 -3.82 43.70 -34.92
C PHE A 53 -2.44 44.24 -35.29
N GLY A 54 -1.54 44.25 -34.29
CA GLY A 54 -0.15 44.64 -34.51
C GLY A 54 0.23 46.10 -34.37
N ASP A 55 -0.76 46.99 -34.14
CA ASP A 55 -0.54 48.43 -33.92
C ASP A 55 -0.73 48.83 -32.43
N PRO A 56 0.33 48.79 -31.61
CA PRO A 56 0.13 49.16 -30.20
C PRO A 56 -0.19 50.64 -29.97
N ASN A 57 0.06 51.48 -30.97
CA ASN A 57 -0.24 52.90 -30.84
C ASN A 57 -1.76 53.12 -30.81
N SER A 58 -2.47 52.35 -31.63
CA SER A 58 -3.88 52.65 -31.87
C SER A 58 -4.78 51.98 -30.86
N LYS A 59 -5.82 52.69 -30.46
CA LYS A 59 -6.82 52.14 -29.59
C LYS A 59 -7.91 51.54 -30.46
N VAL A 60 -7.79 50.23 -30.69
CA VAL A 60 -8.80 49.44 -31.38
C VAL A 60 -10.03 49.31 -30.50
N GLY A 61 -11.18 49.57 -31.07
CA GLY A 61 -12.40 49.32 -30.34
C GLY A 61 -12.85 47.90 -30.57
N LYS A 62 -13.86 47.49 -29.82
CA LYS A 62 -14.58 46.26 -30.09
C LYS A 62 -15.19 46.21 -31.50
N ASP A 63 -15.93 47.25 -31.95
CA ASP A 63 -16.51 47.25 -33.31
C ASP A 63 -15.45 46.86 -34.37
N GLU A 64 -14.26 47.47 -34.27
CA GLU A 64 -13.21 47.29 -35.27
C GLU A 64 -12.76 45.85 -35.27
N VAL A 65 -12.63 45.27 -34.08
CA VAL A 65 -12.21 43.89 -33.95
C VAL A 65 -13.24 42.99 -34.66
N LEU A 66 -14.52 43.25 -34.40
CA LEU A 66 -15.60 42.50 -35.04
C LEU A 66 -15.60 42.67 -36.59
N LYS A 67 -15.34 43.87 -37.09
CA LYS A 67 -15.28 44.05 -38.54
C LYS A 67 -14.15 43.22 -39.14
N ARG A 68 -13.02 43.14 -38.42
CA ARG A 68 -11.84 42.46 -38.89
C ARG A 68 -12.05 40.95 -38.90
N PHE A 69 -12.85 40.44 -37.96
CA PHE A 69 -13.15 39.00 -37.87
C PHE A 69 -14.36 38.51 -38.69
N ARG A 70 -15.10 39.44 -39.27
CA ARG A 70 -16.38 39.08 -39.87
C ARG A 70 -16.14 38.14 -41.03
N GLY A 71 -16.95 37.07 -41.07
CA GLY A 71 -16.80 35.96 -42.00
C GLY A 71 -16.09 34.78 -41.37
N LYS A 72 -15.19 35.06 -40.43
CA LYS A 72 -14.29 34.06 -39.85
C LYS A 72 -14.84 33.28 -38.66
N GLU A 73 -14.19 32.17 -38.35
CA GLU A 73 -14.62 31.18 -37.35
C GLU A 73 -14.80 31.84 -35.99
N ILE A 74 -13.95 32.83 -35.70
CA ILE A 74 -13.91 33.40 -34.38
C ILE A 74 -14.92 34.47 -34.16
N TYR A 75 -15.55 34.93 -35.25
CA TYR A 75 -16.40 36.09 -35.14
C TYR A 75 -17.47 35.92 -34.07
N ASN A 76 -18.19 34.82 -34.12
CA ASN A 76 -19.39 34.64 -33.32
C ASN A 76 -19.07 34.64 -31.81
N TYR A 77 -17.97 34.00 -31.43
CA TYR A 77 -17.47 34.08 -30.05
C TYR A 77 -17.26 35.52 -29.64
N PHE A 78 -16.48 36.24 -30.44
CA PHE A 78 -16.24 37.65 -30.16
C PHE A 78 -17.50 38.50 -30.16
N LYS A 79 -18.43 38.25 -31.08
CA LYS A 79 -19.69 38.99 -31.04
C LYS A 79 -20.35 38.79 -29.66
N GLU A 80 -20.48 37.54 -29.25
CA GLU A 80 -21.10 37.21 -27.94
C GLU A 80 -20.32 37.78 -26.75
N LEU A 81 -18.99 37.74 -26.84
CA LEU A 81 -18.09 38.27 -25.81
C LEU A 81 -18.34 39.78 -25.69
N TYR A 82 -18.23 40.48 -26.80
CA TYR A 82 -18.27 41.93 -26.76
C TYR A 82 -19.69 42.50 -26.58
N SER A 83 -20.70 41.66 -26.76
CA SER A 83 -22.07 42.12 -26.56
C SER A 83 -22.54 41.68 -25.18
N ASN A 84 -21.56 41.42 -24.31
CA ASN A 84 -21.80 40.95 -22.94
C ASN A 84 -22.90 39.88 -22.77
N GLU A 85 -22.82 38.89 -23.65
CA GLU A 85 -23.70 37.75 -23.64
C GLU A 85 -23.02 36.54 -23.01
N LEU A 86 -21.72 36.67 -22.72
CA LEU A 86 -20.91 35.61 -22.09
C LEU A 86 -20.33 36.00 -20.74
N LYS A 87 -20.61 35.18 -19.74
CA LYS A 87 -19.97 35.36 -18.47
C LYS A 87 -18.69 34.55 -18.53
N ILE A 88 -17.59 35.16 -18.13
CA ILE A 88 -16.25 34.58 -18.30
C ILE A 88 -15.65 34.36 -16.93
N VAL A 89 -15.11 33.17 -16.69
CA VAL A 89 -14.29 32.89 -15.51
C VAL A 89 -12.84 32.58 -15.92
N HIS A 90 -11.89 33.26 -15.31
CA HIS A 90 -10.51 33.14 -15.67
C HIS A 90 -9.70 32.88 -14.41
N LYS A 91 -9.15 31.67 -14.35
CA LYS A 91 -8.28 31.26 -13.27
C LYS A 91 -6.89 31.67 -13.77
N ILE A 92 -6.34 32.72 -13.19
CA ILE A 92 -5.14 33.31 -13.80
C ILE A 92 -3.89 32.49 -13.52
N GLN A 93 -2.84 32.74 -14.32
CA GLN A 93 -1.61 31.94 -14.16
C GLN A 93 -0.91 32.25 -12.87
N TYR A 94 -0.91 33.52 -12.50
CA TYR A 94 -0.02 34.00 -11.44
C TYR A 94 -0.79 34.04 -10.13
N VAL A 95 -0.94 32.87 -9.52
CA VAL A 95 -1.82 32.67 -8.37
C VAL A 95 -1.39 33.44 -7.12
N GLU A 96 -0.07 33.60 -6.96
CA GLU A 96 0.51 34.38 -5.89
C GLU A 96 0.12 35.86 -5.96
N TYR A 97 -0.05 36.38 -7.17
CA TYR A 97 -0.57 37.75 -7.35
C TYR A 97 -2.08 37.81 -7.07
N ALA A 98 -2.79 36.73 -7.33
CA ALA A 98 -4.24 36.68 -7.09
C ALA A 98 -4.57 36.34 -5.63
N SER A 99 -3.62 36.61 -4.74
CA SER A 99 -3.73 36.25 -3.34
C SER A 99 -3.99 37.46 -2.46
N LYS A 100 -3.34 38.57 -2.80
CA LYS A 100 -3.38 39.77 -1.97
C LYS A 100 -4.72 40.53 -2.01
N PHE A 101 -5.70 39.97 -2.74
CA PHE A 101 -7.05 40.52 -2.78
C PHE A 101 -8.04 39.50 -2.22
N LEU A 102 -7.58 38.68 -1.28
CA LEU A 102 -8.39 37.60 -0.75
C LEU A 102 -8.59 37.81 0.73
N LYS A 103 -9.84 38.00 1.13
CA LYS A 103 -10.17 38.17 2.52
C LYS A 103 -10.90 36.96 3.06
N GLY A 104 -10.41 36.43 4.18
CA GLY A 104 -11.15 35.45 4.93
C GLY A 104 -10.64 34.03 4.73
N THR A 105 -11.37 33.08 5.29
CA THR A 105 -11.01 31.68 5.23
C THR A 105 -11.42 31.07 3.86
N VAL A 106 -10.89 29.88 3.58
CA VAL A 106 -11.23 29.15 2.35
C VAL A 106 -12.72 28.86 2.30
N ASN A 107 -13.24 28.25 3.38
CA ASN A 107 -14.68 28.01 3.50
C ASN A 107 -15.53 29.25 3.20
N GLU A 108 -15.22 30.37 3.83
CA GLU A 108 -16.09 31.54 3.65
C GLU A 108 -15.93 32.27 2.32
N ILE A 109 -14.75 32.18 1.70
CA ILE A 109 -14.60 32.72 0.35
C ILE A 109 -15.47 31.91 -0.61
N LEU A 110 -15.31 30.60 -0.55
CA LEU A 110 -16.05 29.67 -1.39
C LEU A 110 -17.56 29.71 -1.15
N THR A 111 -17.96 29.87 0.12
CA THR A 111 -19.38 29.98 0.48
C THR A 111 -20.01 31.24 -0.12
N LYS A 112 -19.25 32.33 -0.13
CA LYS A 112 -19.72 33.59 -0.73
C LYS A 112 -20.03 33.38 -2.19
N ILE A 113 -19.10 32.76 -2.92
CA ILE A 113 -19.22 32.70 -4.35
C ILE A 113 -19.92 31.46 -4.89
N ASP A 114 -20.35 30.53 -4.03
CA ASP A 114 -21.00 29.31 -4.52
C ASP A 114 -22.33 29.62 -5.20
N GLU A 115 -22.27 29.76 -6.52
CA GLU A 115 -23.46 30.11 -7.30
C GLU A 115 -24.09 28.85 -7.84
N ARG A 116 -23.32 27.76 -7.89
CA ARG A 116 -23.82 26.55 -8.50
C ARG A 116 -24.19 25.49 -7.49
N GLY A 117 -24.15 25.83 -6.21
CA GLY A 117 -24.45 24.84 -5.16
C GLY A 117 -23.57 23.60 -5.25
N LYS A 118 -22.29 23.80 -5.53
CA LYS A 118 -21.36 22.69 -5.68
C LYS A 118 -20.22 22.76 -4.66
N LYS A 119 -20.38 23.59 -3.64
CA LYS A 119 -19.32 23.78 -2.66
C LYS A 119 -18.83 22.46 -2.11
N ASP A 120 -19.74 21.71 -1.49
CA ASP A 120 -19.43 20.43 -0.86
C ASP A 120 -18.80 19.43 -1.83
N GLU A 121 -19.34 19.39 -3.04
CA GLU A 121 -18.81 18.57 -4.12
C GLU A 121 -17.33 18.85 -4.39
N VAL A 122 -17.00 20.13 -4.51
CA VAL A 122 -15.64 20.57 -4.84
C VAL A 122 -14.68 20.32 -3.70
N LYS A 123 -15.13 20.63 -2.47
CA LYS A 123 -14.42 20.25 -1.24
C LYS A 123 -13.88 18.81 -1.32
N GLU A 124 -14.79 17.87 -1.61
CA GLU A 124 -14.45 16.45 -1.82
C GLU A 124 -13.49 16.26 -2.99
N LEU A 125 -13.92 16.66 -4.18
CA LEU A 125 -13.19 16.42 -5.42
C LEU A 125 -11.73 16.88 -5.36
N LEU A 126 -11.50 18.05 -4.75
CA LEU A 126 -10.17 18.65 -4.65
C LEU A 126 -9.58 18.45 -3.24
N ASN A 127 -10.25 17.63 -2.43
CA ASN A 127 -9.73 17.21 -1.14
C ASN A 127 -9.29 18.41 -0.27
N MET A 128 -10.24 19.28 0.04
CA MET A 128 -9.92 20.59 0.62
C MET A 128 -10.12 20.65 2.13
N THR A 129 -10.57 19.58 2.74
CA THR A 129 -10.83 19.63 4.18
C THR A 129 -9.66 20.20 5.00
N ASN A 130 -8.42 19.91 4.60
CA ASN A 130 -7.27 20.53 5.28
C ASN A 130 -7.26 22.06 5.22
N LEU A 131 -7.56 22.61 4.06
CA LEU A 131 -7.48 24.05 3.83
C LEU A 131 -8.67 24.82 4.40
N TRP A 132 -9.67 24.08 4.86
CA TRP A 132 -11.03 24.56 4.92
C TRP A 132 -11.21 25.79 5.79
N ASN A 133 -10.52 25.82 6.92
CA ASN A 133 -10.57 26.97 7.82
C ASN A 133 -9.21 27.62 7.96
N LYS A 134 -8.51 27.76 6.85
CA LYS A 134 -7.28 28.52 6.81
C LYS A 134 -7.49 29.85 6.10
N ASP A 135 -6.71 30.83 6.52
CA ASP A 135 -6.73 32.15 5.94
C ASP A 135 -6.16 32.14 4.53
N ALA A 136 -6.96 32.60 3.56
CA ALA A 136 -6.53 32.73 2.17
C ALA A 136 -5.17 33.43 2.08
N ASN A 137 -4.99 34.49 2.88
CA ASN A 137 -3.73 35.22 3.02
C ASN A 137 -2.49 34.36 3.26
N ILE A 138 -2.62 33.36 4.14
CA ILE A 138 -1.48 32.55 4.58
C ILE A 138 -1.20 31.30 3.70
N LEU A 139 -1.94 31.14 2.61
CA LEU A 139 -1.91 29.90 1.85
C LEU A 139 -0.64 29.70 1.00
N SER A 140 -0.05 28.49 1.01
CA SER A 140 1.08 28.17 0.10
C SER A 140 0.64 28.15 -1.36
N GLY A 141 1.61 28.11 -2.28
CA GLY A 141 1.35 27.98 -3.73
C GLY A 141 0.26 27.00 -4.09
N GLY A 142 0.36 25.78 -3.57
CA GLY A 142 -0.56 24.70 -3.88
C GLY A 142 -1.98 24.88 -3.30
N GLY A 143 -2.09 25.44 -2.10
CA GLY A 143 -3.38 25.76 -1.52
C GLY A 143 -4.11 26.88 -2.27
N LEU A 144 -3.35 27.91 -2.69
CA LEU A 144 -3.89 28.98 -3.48
C LEU A 144 -4.40 28.44 -4.80
N GLN A 145 -3.63 27.53 -5.41
CA GLN A 145 -3.98 27.04 -6.72
C GLN A 145 -5.29 26.31 -6.56
N ARG A 146 -5.36 25.42 -5.56
CA ARG A 146 -6.62 24.70 -5.31
C ARG A 146 -7.75 25.67 -4.98
N LEU A 147 -7.50 26.68 -4.17
CA LEU A 147 -8.58 27.66 -3.89
C LEU A 147 -9.10 28.38 -5.14
N LEU A 148 -8.22 28.82 -6.03
CA LEU A 148 -8.68 29.52 -7.24
C LEU A 148 -9.39 28.59 -8.22
N VAL A 149 -8.85 27.39 -8.37
CA VAL A 149 -9.50 26.41 -9.21
C VAL A 149 -10.89 26.14 -8.63
N ALA A 150 -10.97 25.91 -7.30
CA ALA A 150 -12.25 25.70 -6.62
C ALA A 150 -13.16 26.86 -6.90
N ALA A 151 -12.67 28.08 -6.66
CA ALA A 151 -13.49 29.23 -6.81
C ALA A 151 -14.06 29.28 -8.24
N SER A 152 -13.29 28.81 -9.22
CA SER A 152 -13.67 28.88 -10.63
C SER A 152 -14.75 27.91 -10.92
N LEU A 153 -14.66 26.73 -10.31
CA LEU A 153 -15.67 25.71 -10.44
C LEU A 153 -17.03 26.13 -9.85
N LEU A 154 -17.02 26.93 -8.78
CA LEU A 154 -18.28 27.32 -8.13
C LEU A 154 -19.08 28.38 -8.88
N ARG A 155 -18.40 29.13 -9.74
CA ARG A 155 -19.02 30.21 -10.45
C ARG A 155 -19.94 29.71 -11.55
N GLU A 156 -21.06 30.40 -11.72
CA GLU A 156 -21.99 30.13 -12.82
C GLU A 156 -21.60 31.04 -14.00
N ALA A 157 -21.15 30.42 -15.08
CA ALA A 157 -20.61 31.19 -16.18
C ALA A 157 -20.71 30.40 -17.47
N ASP A 158 -20.31 31.03 -18.56
CA ASP A 158 -20.41 30.41 -19.87
C ASP A 158 -19.07 29.89 -20.33
N VAL A 159 -18.00 30.56 -19.91
CA VAL A 159 -16.68 30.26 -20.43
C VAL A 159 -15.78 30.18 -19.20
N TYR A 160 -14.98 29.12 -19.11
CA TYR A 160 -14.06 28.98 -17.99
C TYR A 160 -12.67 28.80 -18.55
N ILE A 161 -11.75 29.66 -18.15
CA ILE A 161 -10.42 29.67 -18.70
C ILE A 161 -9.45 29.37 -17.56
N PHE A 162 -8.57 28.37 -17.77
CA PHE A 162 -7.61 27.88 -16.76
C PHE A 162 -6.20 27.97 -17.34
N ASP A 163 -5.43 28.90 -16.82
CA ASP A 163 -4.08 29.09 -17.27
C ASP A 163 -3.12 28.37 -16.28
N GLN A 164 -2.63 27.19 -16.70
CA GLN A 164 -1.61 26.42 -15.94
C GLN A 164 -2.07 25.95 -14.56
N PRO A 165 -3.25 25.32 -14.48
CA PRO A 165 -3.81 24.97 -13.17
C PRO A 165 -2.99 23.87 -12.48
N SER A 166 -2.05 23.23 -13.16
CA SER A 166 -1.25 22.20 -12.51
C SER A 166 -0.04 22.77 -11.73
N SER A 167 0.32 24.04 -11.92
CA SER A 167 1.44 24.64 -11.15
C SER A 167 1.18 24.50 -9.64
N TYR A 168 2.26 24.19 -8.90
CA TYR A 168 2.28 24.03 -7.42
C TYR A 168 1.49 22.81 -6.91
N LEU A 169 0.84 22.08 -7.81
CA LEU A 169 0.06 20.88 -7.39
C LEU A 169 0.91 19.63 -7.38
N ASP A 170 0.72 18.80 -6.37
CA ASP A 170 1.32 17.47 -6.37
C ASP A 170 0.63 16.46 -7.34
N VAL A 171 1.32 15.36 -7.58
CA VAL A 171 0.89 14.35 -8.52
C VAL A 171 -0.56 13.96 -8.35
N ARG A 172 -0.97 13.72 -7.12
CA ARG A 172 -2.40 13.42 -6.83
C ARG A 172 -3.36 14.58 -7.05
N GLU A 173 -2.98 15.75 -6.56
CA GLU A 173 -3.80 16.97 -6.75
C GLU A 173 -4.06 17.30 -8.24
N ARG A 174 -3.05 17.14 -9.09
CA ARG A 174 -3.18 17.42 -10.53
C ARG A 174 -4.26 16.61 -11.19
N MET A 175 -4.22 15.31 -10.89
CA MET A 175 -5.25 14.35 -11.29
C MET A 175 -6.65 14.66 -10.75
N ASN A 176 -6.78 14.92 -9.45
CA ASN A 176 -8.07 15.40 -8.92
C ASN A 176 -8.60 16.67 -9.61
N MET A 177 -7.71 17.64 -9.86
CA MET A 177 -8.07 18.91 -10.55
C MET A 177 -8.57 18.63 -11.97
N ALA A 178 -7.91 17.69 -12.64
CA ALA A 178 -8.25 17.32 -14.01
C ALA A 178 -9.62 16.61 -13.97
N LYS A 179 -9.79 15.64 -13.07
CA LYS A 179 -11.10 15.00 -12.89
C LYS A 179 -12.21 16.04 -12.58
N ALA A 180 -11.93 16.96 -11.66
CA ALA A 180 -12.94 17.96 -11.25
C ALA A 180 -13.39 18.87 -12.40
N ILE A 181 -12.45 19.34 -13.20
CA ILE A 181 -12.78 20.21 -14.30
C ILE A 181 -13.61 19.46 -15.35
N ARG A 182 -13.17 18.25 -15.66
CA ARG A 182 -13.84 17.38 -16.64
C ARG A 182 -15.26 17.11 -16.18
N GLU A 183 -15.41 16.81 -14.90
CA GLU A 183 -16.72 16.43 -14.37
C GLU A 183 -17.71 17.57 -14.19
N LEU A 184 -17.25 18.76 -13.81
CA LEU A 184 -18.14 19.82 -13.37
C LEU A 184 -18.44 20.90 -14.43
N LEU A 185 -17.82 20.77 -15.60
CA LEU A 185 -17.89 21.81 -16.62
C LEU A 185 -18.40 21.29 -17.97
N LYS A 186 -19.31 20.33 -17.90
CA LYS A 186 -19.95 19.85 -19.10
C LYS A 186 -20.86 20.96 -19.63
N ASN A 187 -21.09 20.98 -20.93
CA ASN A 187 -21.94 22.01 -21.54
C ASN A 187 -21.47 23.45 -21.30
N LYS A 188 -20.15 23.68 -21.30
CA LYS A 188 -19.57 25.02 -21.21
C LYS A 188 -18.44 25.14 -22.23
N TYR A 189 -17.99 26.38 -22.46
CA TYR A 189 -16.76 26.58 -23.21
C TYR A 189 -15.64 26.49 -22.17
N VAL A 190 -14.69 25.56 -22.35
CA VAL A 190 -13.55 25.46 -21.42
C VAL A 190 -12.29 25.61 -22.26
N ILE A 191 -11.37 26.45 -21.78
CA ILE A 191 -10.06 26.57 -22.41
C ILE A 191 -9.02 26.37 -21.29
N VAL A 192 -8.01 25.56 -21.55
CA VAL A 192 -6.98 25.29 -20.56
C VAL A 192 -5.61 25.30 -21.20
N VAL A 193 -4.68 25.95 -20.52
CA VAL A 193 -3.27 25.88 -20.89
C VAL A 193 -2.65 25.13 -19.75
N ASP A 194 -1.77 24.20 -20.08
CA ASP A 194 -0.99 23.47 -19.08
C ASP A 194 0.26 22.85 -19.71
N HIS A 195 1.25 22.56 -18.88
CA HIS A 195 2.51 21.94 -19.31
C HIS A 195 2.63 20.48 -18.88
N ASP A 196 1.67 20.01 -18.06
CA ASP A 196 1.68 18.59 -17.67
C ASP A 196 0.89 17.79 -18.73
N LEU A 197 1.54 16.94 -19.53
CA LEU A 197 0.84 16.35 -20.65
C LEU A 197 -0.29 15.41 -20.22
N ILE A 198 -0.18 14.81 -19.04
CA ILE A 198 -1.17 13.81 -18.62
C ILE A 198 -2.45 14.59 -18.15
N VAL A 199 -2.24 15.69 -17.46
CA VAL A 199 -3.35 16.63 -17.15
C VAL A 199 -4.05 16.97 -18.47
N LEU A 200 -3.32 17.40 -19.49
CA LEU A 200 -3.94 17.81 -20.79
C LEU A 200 -4.70 16.72 -21.48
N ASP A 201 -4.06 15.56 -21.55
CA ASP A 201 -4.68 14.33 -22.04
C ASP A 201 -5.97 13.98 -21.32
N TYR A 202 -6.03 14.18 -20.00
CA TYR A 202 -7.25 13.89 -19.28
C TYR A 202 -8.35 14.90 -19.60
N LEU A 203 -7.97 16.16 -19.64
CA LEU A 203 -8.91 17.23 -19.70
C LEU A 203 -9.47 17.54 -21.09
N THR A 204 -8.67 17.36 -22.13
CA THR A 204 -8.97 18.04 -23.42
C THR A 204 -9.70 17.18 -24.43
N ASP A 205 -10.64 17.79 -25.13
CA ASP A 205 -11.15 17.19 -26.39
C ASP A 205 -10.32 17.64 -27.59
N LEU A 206 -10.02 18.93 -27.65
CA LEU A 206 -9.21 19.48 -28.75
C LEU A 206 -7.92 20.11 -28.24
N ILE A 207 -6.93 20.24 -29.11
CA ILE A 207 -5.66 20.84 -28.78
C ILE A 207 -5.15 21.67 -29.92
N HIS A 208 -4.78 22.92 -29.61
CA HIS A 208 -3.99 23.82 -30.47
C HIS A 208 -2.58 23.86 -29.90
N ILE A 209 -1.58 23.82 -30.77
CA ILE A 209 -0.19 24.04 -30.33
C ILE A 209 0.17 25.49 -30.64
N ILE A 210 0.83 26.14 -29.70
CA ILE A 210 1.41 27.45 -29.99
C ILE A 210 2.91 27.29 -30.06
N TYR A 211 3.48 27.77 -31.15
CA TYR A 211 4.89 27.58 -31.42
C TYR A 211 5.49 28.89 -31.95
N GLY A 212 6.81 28.97 -32.01
CA GLY A 212 7.42 30.20 -32.43
C GLY A 212 8.71 30.37 -31.67
N GLU A 213 9.07 31.63 -31.39
CA GLU A 213 10.32 31.89 -30.68
C GLU A 213 9.94 32.70 -29.42
N SER A 214 10.32 32.19 -28.24
CA SER A 214 9.95 32.80 -26.96
C SER A 214 10.23 34.29 -26.96
N SER A 215 9.23 35.06 -26.54
CA SER A 215 9.40 36.51 -26.45
C SER A 215 9.61 37.29 -27.80
N VAL A 216 9.58 36.58 -28.93
CA VAL A 216 9.66 37.18 -30.27
C VAL A 216 8.32 36.99 -31.02
N TYR A 217 7.83 35.77 -31.19
CA TYR A 217 6.51 35.56 -31.81
C TYR A 217 5.89 34.22 -31.48
N GLY A 218 4.58 34.13 -31.62
CA GLY A 218 3.84 32.91 -31.43
C GLY A 218 2.80 32.84 -32.53
N ARG A 219 2.55 31.63 -33.02
CA ARG A 219 1.52 31.33 -34.01
C ARG A 219 0.75 30.17 -33.44
N VAL A 220 -0.56 30.23 -33.53
CA VAL A 220 -1.45 29.17 -33.06
C VAL A 220 -1.74 28.23 -34.20
N SER A 221 -1.53 26.93 -33.99
CA SER A 221 -1.86 25.94 -34.99
C SER A 221 -3.39 25.84 -35.15
N LYS A 222 -3.84 25.11 -36.17
CA LYS A 222 -5.25 24.67 -36.22
C LYS A 222 -5.55 23.75 -35.04
N SER A 223 -6.83 23.50 -34.83
CA SER A 223 -7.34 22.56 -33.86
C SER A 223 -7.03 21.13 -34.34
N TYR A 224 -6.50 20.32 -33.43
CA TYR A 224 -6.31 18.89 -33.69
C TYR A 224 -7.14 18.13 -32.67
N ALA A 225 -7.59 16.91 -32.98
CA ALA A 225 -8.14 16.09 -31.92
C ALA A 225 -7.04 16.00 -30.84
N ALA A 226 -7.48 16.03 -29.57
CA ALA A 226 -6.57 16.10 -28.44
C ALA A 226 -5.42 15.12 -28.57
N ARG A 227 -5.73 13.85 -28.75
CA ARG A 227 -4.75 12.79 -28.88
C ARG A 227 -3.69 13.04 -29.97
N VAL A 228 -4.16 13.54 -31.10
CA VAL A 228 -3.32 13.80 -32.27
C VAL A 228 -2.43 14.98 -32.02
N GLY A 229 -3.01 16.03 -31.42
CA GLY A 229 -2.32 17.26 -31.14
C GLY A 229 -1.15 17.05 -30.20
N ILE A 230 -1.35 16.21 -29.18
CA ILE A 230 -0.29 15.91 -28.22
C ILE A 230 0.78 15.05 -28.89
N ASN A 231 0.34 14.14 -29.74
CA ASN A 231 1.29 13.32 -30.49
C ASN A 231 2.20 14.10 -31.44
N ASN A 232 1.65 15.15 -32.09
CA ASN A 232 2.39 15.97 -33.06
C ASN A 232 3.37 16.83 -32.27
N PHE A 233 2.92 17.27 -31.11
CA PHE A 233 3.84 17.94 -30.19
C PHE A 233 5.01 16.98 -29.86
N LEU A 234 4.75 15.75 -29.43
CA LEU A 234 5.88 14.83 -29.16
C LEU A 234 6.77 14.60 -30.36
N LYS A 235 6.18 14.50 -31.54
CA LYS A 235 6.98 14.30 -32.74
C LYS A 235 7.73 15.58 -33.12
N GLY A 236 7.20 16.73 -32.69
CA GLY A 236 7.85 17.99 -32.99
C GLY A 236 7.59 18.44 -34.41
N TYR A 237 6.43 18.02 -34.96
CA TYR A 237 6.07 18.35 -36.34
C TYR A 237 4.57 18.61 -36.45
N LEU A 238 4.18 19.74 -36.98
CA LEU A 238 2.77 19.96 -37.26
C LEU A 238 2.49 19.80 -38.78
N PRO A 239 1.81 18.72 -39.15
CA PRO A 239 1.46 18.41 -40.52
C PRO A 239 0.69 19.51 -41.26
N ALA A 240 -0.38 20.05 -40.67
CA ALA A 240 -1.16 21.10 -41.36
C ALA A 240 -0.36 22.36 -41.64
N GLU A 241 0.40 22.77 -40.65
CA GLU A 241 1.17 23.99 -40.75
C GLU A 241 2.45 23.74 -41.50
N ASN A 242 2.78 22.47 -41.71
CA ASN A 242 4.06 22.06 -42.32
C ASN A 242 5.27 22.61 -41.56
N MET A 243 5.33 22.33 -40.26
CA MET A 243 6.24 23.03 -39.38
C MET A 243 7.00 22.13 -38.40
N LYS A 244 8.31 22.15 -38.56
CA LYS A 244 9.22 21.50 -37.66
C LYS A 244 9.38 22.45 -36.47
N ILE A 245 8.73 22.13 -35.36
CA ILE A 245 8.77 23.00 -34.16
C ILE A 245 9.82 22.59 -33.09
N ARG A 246 10.50 21.48 -33.34
CA ARG A 246 11.60 20.99 -32.50
C ARG A 246 12.44 20.07 -33.40
N PRO A 247 13.78 20.16 -33.28
CA PRO A 247 14.58 19.36 -34.21
C PRO A 247 14.51 17.86 -33.88
N ASP A 248 14.09 17.52 -32.67
CA ASP A 248 13.99 16.12 -32.29
C ASP A 248 12.61 15.77 -31.75
N GLU A 249 12.39 14.48 -31.62
CA GLU A 249 11.14 13.92 -31.16
C GLU A 249 11.26 13.51 -29.69
N ILE A 250 10.15 13.56 -28.96
CA ILE A 250 10.10 13.00 -27.61
C ILE A 250 9.47 11.58 -27.69
N LYS A 251 10.32 10.58 -27.60
CA LYS A 251 9.87 9.21 -27.84
C LYS A 251 9.77 8.46 -26.53
N PHE A 252 8.64 7.81 -26.31
CA PHE A 252 8.43 6.91 -25.18
C PHE A 252 8.65 5.45 -25.60
N MET A 253 8.99 4.61 -24.63
CA MET A 253 9.09 3.16 -24.80
C MET A 253 10.14 2.68 -25.81
N LEU A 254 11.37 3.15 -25.64
CA LEU A 254 12.48 2.69 -26.49
C LEU A 254 13.45 1.78 -25.73
N LYS A 255 14.23 1.01 -26.48
CA LYS A 255 15.29 0.16 -25.92
C LYS A 255 16.46 0.02 -26.90
N LEU A 266 24.92 -3.31 -14.63
CA LEU A 266 24.38 -4.48 -13.95
C LEU A 266 24.62 -4.47 -12.43
N LYS A 267 25.80 -3.99 -11.99
CA LYS A 267 26.17 -4.02 -10.56
C LYS A 267 25.49 -2.98 -9.68
N THR A 268 25.21 -3.39 -8.45
CA THR A 268 24.64 -2.52 -7.46
C THR A 268 25.66 -1.47 -7.04
N LYS A 269 25.31 -0.19 -7.15
CA LYS A 269 26.21 0.88 -6.75
C LYS A 269 25.94 1.32 -5.32
N MET A 270 24.70 1.14 -4.88
CA MET A 270 24.32 1.52 -3.55
C MET A 270 23.08 0.75 -3.13
N LYS A 271 22.93 0.66 -1.80
CA LYS A 271 22.04 -0.22 -1.08
C LYS A 271 21.63 0.60 0.16
N TRP A 272 20.37 0.52 0.60
CA TRP A 272 19.98 1.06 1.88
C TRP A 272 19.04 0.12 2.61
N THR A 273 19.24 0.03 3.93
CA THR A 273 18.28 -0.64 4.80
C THR A 273 16.99 0.18 4.96
N LYS A 274 16.00 -0.39 5.64
CA LYS A 274 14.87 0.37 6.13
C LYS A 274 15.37 1.65 6.81
N ILE A 275 14.74 2.75 6.43
CA ILE A 275 15.09 4.08 6.95
C ILE A 275 13.87 4.65 7.69
N ILE A 276 14.12 5.02 8.95
CA ILE A 276 13.11 5.66 9.78
C ILE A 276 13.55 7.08 10.19
N LYS A 277 12.61 7.97 10.18
CA LYS A 277 12.84 9.33 10.60
C LYS A 277 11.58 9.93 11.17
N LYS A 278 11.67 10.44 12.38
CA LYS A 278 10.59 11.13 12.98
C LYS A 278 10.91 12.63 12.95
N LEU A 279 9.97 13.43 12.42
CA LEU A 279 10.09 14.91 12.51
C LEU A 279 8.82 15.44 13.13
N GLY A 280 8.88 15.75 14.42
CA GLY A 280 7.75 16.31 15.14
C GLY A 280 6.61 15.33 15.08
N ASP A 281 5.48 15.76 14.52
CA ASP A 281 4.34 14.87 14.38
C ASP A 281 4.59 13.77 13.32
N PHE A 282 5.33 14.11 12.28
CA PHE A 282 5.44 13.29 11.11
C PHE A 282 6.41 12.13 11.27
N GLN A 283 5.99 10.92 10.91
CA GLN A 283 6.86 9.71 10.89
C GLN A 283 7.04 9.26 9.47
N LEU A 284 8.32 9.03 9.11
CA LEU A 284 8.67 8.56 7.80
C LEU A 284 9.29 7.17 7.92
N VAL A 285 8.78 6.26 7.09
CA VAL A 285 9.41 4.93 6.96
C VAL A 285 9.71 4.61 5.52
N VAL A 286 10.97 4.30 5.21
CA VAL A 286 11.32 3.96 3.86
C VAL A 286 11.85 2.54 3.83
N ASP A 287 11.30 1.75 2.90
CA ASP A 287 11.69 0.33 2.79
C ASP A 287 13.09 0.19 2.28
N ASN A 288 13.77 -0.89 2.68
CA ASN A 288 15.11 -1.15 2.16
C ASN A 288 15.11 -1.18 0.63
N GLY A 289 16.25 -1.01 0.00
CA GLY A 289 16.26 -0.93 -1.46
C GLY A 289 17.70 -1.00 -1.87
N GLU A 290 17.93 -0.88 -3.19
CA GLU A 290 19.24 -0.77 -3.77
C GLU A 290 19.05 -0.12 -5.15
N ALA A 291 20.13 0.40 -5.71
CA ALA A 291 20.08 1.06 -7.01
C ALA A 291 21.29 0.60 -7.83
N LYS A 292 21.08 0.31 -9.11
CA LYS A 292 22.14 -0.16 -10.01
C LYS A 292 22.89 0.99 -10.65
N GLU A 293 24.14 0.74 -11.05
CA GLU A 293 24.88 1.71 -11.83
C GLU A 293 24.09 2.17 -13.06
N GLY A 294 24.05 3.49 -13.29
CA GLY A 294 23.36 4.06 -14.45
C GLY A 294 21.88 4.33 -14.28
N GLU A 295 21.30 3.78 -13.20
CA GLU A 295 19.86 3.71 -13.04
C GLU A 295 19.21 4.97 -12.49
N ILE A 296 18.02 5.28 -13.01
CA ILE A 296 17.19 6.37 -12.50
C ILE A 296 16.01 5.82 -11.70
N ILE A 297 15.89 6.30 -10.47
CA ILE A 297 14.77 5.94 -9.59
C ILE A 297 13.94 7.18 -9.50
N GLY A 298 12.68 7.10 -9.92
CA GLY A 298 11.80 8.21 -9.74
C GLY A 298 11.14 8.06 -8.38
N ILE A 299 10.87 9.18 -7.73
CA ILE A 299 10.15 9.13 -6.49
C ILE A 299 8.91 9.93 -6.73
N LEU A 300 7.80 9.35 -6.32
CA LEU A 300 6.55 10.04 -6.50
C LEU A 300 5.63 9.83 -5.32
N GLY A 301 4.83 10.86 -5.04
CA GLY A 301 3.78 10.74 -4.08
C GLY A 301 3.28 12.13 -3.79
N PRO A 302 2.16 12.23 -3.05
CA PRO A 302 1.57 13.56 -2.71
C PRO A 302 2.50 14.46 -1.87
N ASN A 303 2.27 15.79 -1.80
CA ASN A 303 3.22 16.52 -0.95
C ASN A 303 2.98 16.30 0.53
N GLY A 304 4.03 16.43 1.35
CA GLY A 304 3.91 16.38 2.80
C GLY A 304 4.11 14.97 3.33
N ILE A 305 4.68 14.15 2.46
CA ILE A 305 4.72 12.73 2.64
C ILE A 305 6.15 12.20 2.90
N GLY A 306 7.17 13.05 2.73
CA GLY A 306 8.51 12.70 3.21
C GLY A 306 9.53 12.50 2.11
N LYS A 307 9.15 12.81 0.87
CA LYS A 307 10.07 12.67 -0.27
C LYS A 307 11.35 13.53 -0.12
N THR A 308 11.19 14.81 0.18
CA THR A 308 12.30 15.71 0.48
C THR A 308 13.10 15.32 1.72
N THR A 309 12.40 14.88 2.76
CA THR A 309 13.07 14.33 3.93
C THR A 309 13.97 13.19 3.48
N PHE A 310 13.46 12.36 2.58
CA PHE A 310 14.22 11.17 2.17
C PHE A 310 15.45 11.66 1.37
N ALA A 311 15.22 12.47 0.35
CA ALA A 311 16.33 13.21 -0.32
C ALA A 311 17.38 13.76 0.67
N ARG A 312 16.93 14.43 1.73
CA ARG A 312 17.83 15.09 2.65
C ARG A 312 18.64 14.02 3.40
N ILE A 313 18.04 12.87 3.67
CA ILE A 313 18.76 11.78 4.32
C ILE A 313 19.87 11.26 3.38
N LEU A 314 19.54 11.15 2.10
CA LEU A 314 20.52 10.59 1.11
C LEU A 314 21.66 11.56 0.89
N VAL A 315 21.44 12.84 1.07
CA VAL A 315 22.56 13.83 0.88
C VAL A 315 23.28 14.24 2.18
N GLY A 316 22.96 13.58 3.32
CA GLY A 316 23.58 13.87 4.65
C GLY A 316 23.16 15.21 5.29
N GLU A 317 22.17 15.86 4.72
CA GLU A 317 21.59 17.04 5.38
C GLU A 317 20.82 16.69 6.65
N ILE A 318 20.16 15.54 6.67
CA ILE A 318 19.41 15.12 7.85
C ILE A 318 19.93 13.70 8.15
N THR A 319 20.00 13.34 9.43
CA THR A 319 20.47 12.04 9.87
C THR A 319 19.25 11.15 10.07
N ALA A 320 19.30 9.88 9.62
CA ALA A 320 18.16 9.01 9.86
C ALA A 320 18.17 8.62 11.33
N ASP A 321 16.99 8.38 11.89
CA ASP A 321 16.92 7.83 13.25
C ASP A 321 17.32 6.34 13.30
N GLU A 322 16.91 5.56 12.31
CA GLU A 322 17.40 4.18 12.14
C GLU A 322 17.69 3.91 10.67
N GLY A 323 18.64 3.03 10.40
CA GLY A 323 18.98 2.67 9.04
C GLY A 323 20.16 3.41 8.49
N SER A 324 20.69 2.91 7.38
CA SER A 324 21.91 3.44 6.78
C SER A 324 21.96 3.20 5.27
N VAL A 325 22.83 3.95 4.61
CA VAL A 325 23.08 3.81 3.20
C VAL A 325 24.54 3.37 3.06
N THR A 326 24.77 2.31 2.30
CA THR A 326 26.15 1.93 1.93
C THR A 326 26.46 2.18 0.44
N PRO A 327 27.68 2.67 0.14
CA PRO A 327 28.69 3.12 1.11
C PRO A 327 28.16 4.39 1.79
N GLU A 328 28.69 4.73 2.97
CA GLU A 328 28.17 5.86 3.77
C GLU A 328 28.59 7.21 3.19
N LYS A 329 29.74 7.25 2.54
CA LYS A 329 30.23 8.49 1.95
C LYS A 329 30.53 8.30 0.47
N GLN A 330 29.80 9.02 -0.37
CA GLN A 330 30.05 8.99 -1.79
C GLN A 330 29.97 10.41 -2.35
N ILE A 331 30.55 10.60 -3.52
CA ILE A 331 30.52 11.90 -4.18
C ILE A 331 29.10 12.12 -4.63
N LEU A 332 28.51 13.18 -4.14
CA LEU A 332 27.11 13.47 -4.41
C LEU A 332 26.85 14.83 -5.03
N SER A 333 25.75 14.94 -5.76
CA SER A 333 25.39 16.23 -6.35
C SER A 333 23.89 16.43 -6.22
N TYR A 334 23.49 17.57 -5.67
CA TYR A 334 22.14 17.75 -5.12
C TYR A 334 21.44 19.00 -5.64
N LYS A 335 20.22 18.82 -6.12
CA LYS A 335 19.39 19.90 -6.62
C LYS A 335 18.16 19.99 -5.72
N PRO A 336 18.15 20.94 -4.78
CA PRO A 336 17.09 20.98 -3.79
C PRO A 336 15.78 21.44 -4.36
N GLN A 337 14.71 21.08 -3.67
CA GLN A 337 13.40 21.53 -4.09
C GLN A 337 13.31 23.03 -4.00
N ARG A 338 13.70 23.60 -2.85
CA ARG A 338 13.50 25.01 -2.63
C ARG A 338 14.69 25.72 -3.23
N ILE A 339 14.42 26.55 -4.23
CA ILE A 339 15.49 27.21 -4.98
C ILE A 339 15.46 28.71 -4.76
N PHE A 340 16.62 29.27 -4.45
CA PHE A 340 16.73 30.69 -4.17
C PHE A 340 18.07 31.20 -4.68
N PRO A 341 18.12 32.49 -5.11
CA PRO A 341 19.44 32.99 -5.49
C PRO A 341 20.32 33.11 -4.24
N ASN A 342 21.41 32.35 -4.21
CA ASN A 342 22.34 32.38 -3.08
C ASN A 342 23.79 32.57 -3.54
N TYR A 343 23.99 33.48 -4.47
CA TYR A 343 25.28 33.61 -5.13
C TYR A 343 25.47 35.00 -5.69
N ASP A 344 26.64 35.57 -5.43
CA ASP A 344 26.97 36.95 -5.78
C ASP A 344 27.20 37.10 -7.27
N GLY A 345 27.76 36.06 -7.88
CA GLY A 345 28.29 36.17 -9.23
C GLY A 345 27.35 35.89 -10.39
N THR A 346 27.94 35.76 -11.56
CA THR A 346 27.20 35.58 -12.79
C THR A 346 26.77 34.12 -12.96
N VAL A 347 25.87 33.87 -13.91
CA VAL A 347 25.59 32.49 -14.36
C VAL A 347 26.89 31.76 -14.80
N GLN A 348 27.70 32.43 -15.61
CA GLN A 348 28.99 31.91 -16.05
C GLN A 348 29.89 31.51 -14.87
N GLN A 349 30.08 32.41 -13.93
CA GLN A 349 30.91 32.13 -12.77
C GLN A 349 30.39 30.92 -12.04
N TYR A 350 29.08 30.87 -11.85
CA TYR A 350 28.41 29.77 -11.13
C TYR A 350 28.58 28.41 -11.85
N LEU A 351 28.49 28.43 -13.18
CA LEU A 351 28.63 27.20 -13.97
C LEU A 351 30.08 26.75 -14.06
N GLU A 352 30.99 27.71 -14.19
CA GLU A 352 32.43 27.43 -14.25
C GLU A 352 32.90 26.82 -12.94
N ASN A 353 32.39 27.35 -11.82
CA ASN A 353 32.67 26.82 -10.48
C ASN A 353 32.29 25.36 -10.36
N ALA A 354 31.23 24.98 -11.07
CA ALA A 354 30.67 23.65 -10.99
C ALA A 354 31.42 22.65 -11.85
N SER A 355 31.90 23.10 -13.01
CA SER A 355 32.50 22.21 -14.02
C SER A 355 33.30 22.95 -15.10
N LYS A 356 34.36 22.32 -15.61
CA LYS A 356 35.07 22.78 -16.80
C LYS A 356 34.29 22.44 -18.07
N ASP A 357 33.56 21.32 -18.01
CA ASP A 357 32.71 20.84 -19.09
C ASP A 357 31.62 21.83 -19.45
N ALA A 358 30.86 22.24 -18.43
CA ALA A 358 29.57 22.94 -18.60
C ALA A 358 29.54 24.07 -19.64
N LEU A 359 30.67 24.74 -19.82
CA LEU A 359 30.72 25.88 -20.74
C LEU A 359 31.69 25.74 -21.91
N SER A 360 32.41 24.63 -21.98
CA SER A 360 33.25 24.38 -23.16
C SER A 360 32.37 23.91 -24.30
N THR A 361 32.30 24.71 -25.37
CA THR A 361 31.62 24.36 -26.63
C THR A 361 32.16 23.02 -27.17
N SER A 362 33.25 22.55 -26.55
CA SER A 362 33.94 21.32 -26.94
C SER A 362 33.28 20.03 -26.42
N SER A 363 32.62 20.11 -25.27
CA SER A 363 32.08 18.92 -24.60
C SER A 363 30.68 18.51 -25.07
N TRP A 364 30.28 17.30 -24.70
CA TRP A 364 28.92 16.81 -24.90
C TRP A 364 27.92 17.60 -24.03
N PHE A 365 28.38 18.01 -22.85
CA PHE A 365 27.48 18.65 -21.89
C PHE A 365 26.90 19.94 -22.44
N PHE A 366 27.79 20.84 -22.86
CA PHE A 366 27.42 22.16 -23.31
C PHE A 366 26.26 22.16 -24.30
N GLU A 367 26.32 21.28 -25.30
CA GLU A 367 25.32 21.29 -26.37
C GLU A 367 24.03 20.60 -25.99
N GLU A 368 24.13 19.49 -25.27
CA GLU A 368 22.97 18.73 -24.79
C GLU A 368 22.22 19.44 -23.64
N VAL A 369 22.96 19.87 -22.62
CA VAL A 369 22.38 20.47 -21.41
C VAL A 369 22.40 21.99 -21.47
N THR A 370 23.57 22.56 -21.17
CA THR A 370 23.77 24.01 -21.10
C THR A 370 23.04 24.80 -22.18
N LYS A 371 23.44 24.58 -23.43
CA LYS A 371 22.87 25.26 -24.58
C LYS A 371 21.41 24.90 -24.75
N ARG A 372 21.09 23.62 -24.55
CA ARG A 372 19.72 23.18 -24.78
C ARG A 372 18.81 23.72 -23.72
N LEU A 373 19.37 24.10 -22.56
CA LEU A 373 18.60 24.77 -21.55
C LEU A 373 18.51 26.28 -21.80
N ASN A 374 19.22 26.72 -22.84
CA ASN A 374 19.37 28.15 -23.13
C ASN A 374 20.10 28.96 -22.04
N LEU A 375 20.86 28.26 -21.20
CA LEU A 375 21.69 28.93 -20.20
C LEU A 375 22.85 29.72 -20.86
N HIS A 376 23.28 29.27 -22.04
CA HIS A 376 24.34 29.95 -22.78
C HIS A 376 24.02 31.43 -23.11
N ARG A 377 22.74 31.79 -23.02
CA ARG A 377 22.24 33.16 -23.29
C ARG A 377 22.18 34.04 -22.05
N LEU A 378 22.43 33.46 -20.88
CA LEU A 378 22.31 34.16 -19.60
C LEU A 378 23.63 34.34 -18.83
N LEU A 379 24.74 34.02 -19.48
CA LEU A 379 26.06 33.97 -18.83
C LEU A 379 26.50 35.24 -18.10
N GLU A 380 26.15 36.40 -18.64
CA GLU A 380 26.47 37.72 -18.05
C GLU A 380 25.53 38.10 -16.95
N SER A 381 24.39 37.41 -16.86
CA SER A 381 23.41 37.70 -15.83
C SER A 381 24.02 37.31 -14.50
N ASN A 382 23.73 38.03 -13.44
CA ASN A 382 24.09 37.47 -12.12
C ASN A 382 22.89 36.71 -11.55
N VAL A 383 23.20 35.65 -10.81
CA VAL A 383 22.20 34.74 -10.30
C VAL A 383 20.96 35.40 -9.64
N ASN A 384 21.12 36.56 -8.98
CA ASN A 384 19.99 37.18 -8.26
C ASN A 384 18.98 37.87 -9.17
N ASP A 385 19.36 38.01 -10.43
CA ASP A 385 18.52 38.60 -11.48
C ASP A 385 17.56 37.62 -12.12
N LEU A 386 17.81 36.32 -11.93
CA LEU A 386 17.08 35.26 -12.63
C LEU A 386 15.66 34.97 -12.09
N SER A 387 14.73 34.73 -13.02
CA SER A 387 13.39 34.20 -12.72
C SER A 387 13.48 32.77 -12.15
N GLY A 388 12.40 32.26 -11.54
CA GLY A 388 12.28 30.87 -11.08
C GLY A 388 12.67 29.84 -12.13
N GLY A 389 12.14 29.99 -13.34
CA GLY A 389 12.47 29.07 -14.43
C GLY A 389 13.97 28.95 -14.72
N GLU A 390 14.58 30.12 -14.87
CA GLU A 390 16.01 30.27 -15.13
C GLU A 390 16.90 29.75 -13.99
N LEU A 391 16.57 30.10 -12.73
CA LEU A 391 17.30 29.53 -11.56
C LEU A 391 17.21 28.01 -11.55
N GLN A 392 15.99 27.50 -11.82
CA GLN A 392 15.76 26.04 -11.92
C GLN A 392 16.74 25.37 -12.88
N LYS A 393 16.82 25.88 -14.12
CA LYS A 393 17.67 25.29 -15.11
C LYS A 393 19.13 25.42 -14.72
N LEU A 394 19.49 26.58 -14.20
CA LEU A 394 20.83 26.83 -13.71
C LEU A 394 21.25 25.79 -12.66
N TYR A 395 20.41 25.59 -11.64
CA TYR A 395 20.73 24.62 -10.59
C TYR A 395 20.72 23.19 -11.12
N ILE A 396 19.83 22.89 -12.07
CA ILE A 396 19.78 21.55 -12.67
C ILE A 396 21.04 21.31 -13.50
N ALA A 397 21.42 22.33 -14.27
CA ALA A 397 22.57 22.20 -15.13
C ALA A 397 23.84 22.05 -14.30
N ALA A 398 23.98 22.92 -13.28
CA ALA A 398 25.11 22.86 -12.38
C ALA A 398 25.20 21.49 -11.67
N THR A 399 24.09 21.07 -11.08
CA THR A 399 24.01 19.75 -10.44
C THR A 399 24.46 18.66 -11.39
N LEU A 400 23.97 18.67 -12.63
CA LEU A 400 24.26 17.61 -13.59
C LEU A 400 25.69 17.63 -14.15
N ALA A 401 26.34 18.79 -14.05
CA ALA A 401 27.64 18.98 -14.66
C ALA A 401 28.70 18.41 -13.75
N LYS A 402 28.35 18.34 -12.48
CA LYS A 402 29.27 17.84 -11.49
C LYS A 402 29.44 16.33 -11.66
N GLU A 403 30.68 15.86 -11.63
CA GLU A 403 30.94 14.41 -11.64
C GLU A 403 30.59 13.80 -10.30
N ALA A 404 29.69 12.84 -10.30
CA ALA A 404 29.24 12.27 -9.04
C ALA A 404 28.89 10.80 -9.14
N ASP A 405 28.91 10.16 -7.98
CA ASP A 405 28.35 8.85 -7.78
C ASP A 405 26.84 8.93 -7.69
N LEU A 406 26.33 9.97 -7.06
CA LEU A 406 24.90 10.05 -6.78
C LEU A 406 24.31 11.44 -7.08
N TYR A 407 23.24 11.45 -7.86
CA TYR A 407 22.53 12.69 -8.13
C TYR A 407 21.17 12.64 -7.52
N VAL A 408 20.80 13.71 -6.83
CA VAL A 408 19.49 13.85 -6.29
C VAL A 408 18.86 15.16 -6.77
N LEU A 409 17.79 15.04 -7.54
CA LEU A 409 17.15 16.23 -8.06
C LEU A 409 15.77 16.27 -7.50
N ASP A 410 15.44 17.34 -6.79
CA ASP A 410 14.16 17.41 -6.10
C ASP A 410 13.16 18.33 -6.85
N GLN A 411 12.13 17.75 -7.48
CA GLN A 411 11.12 18.57 -8.21
C GLN A 411 11.72 19.49 -9.29
N PRO A 412 12.58 18.95 -10.12
CA PRO A 412 13.21 19.84 -11.13
C PRO A 412 12.25 20.35 -12.23
N SER A 413 11.06 19.79 -12.34
CA SER A 413 10.14 20.26 -13.38
C SER A 413 9.35 21.48 -12.93
N SER A 414 9.46 21.86 -11.65
CA SER A 414 8.78 23.06 -11.19
C SER A 414 9.36 24.27 -11.95
N TYR A 415 8.48 25.21 -12.29
CA TYR A 415 8.85 26.42 -13.04
C TYR A 415 9.27 26.15 -14.49
N LEU A 416 9.35 24.87 -14.91
CA LEU A 416 9.78 24.61 -16.26
C LEU A 416 8.56 24.59 -17.16
N ASP A 417 8.70 25.00 -18.43
CA ASP A 417 7.63 24.77 -19.40
C ASP A 417 7.64 23.34 -19.93
N VAL A 418 6.69 23.06 -20.83
CA VAL A 418 6.48 21.72 -21.36
C VAL A 418 7.68 21.18 -22.17
N GLU A 419 8.42 22.07 -22.82
CA GLU A 419 9.60 21.68 -23.57
C GLU A 419 10.84 21.39 -22.65
N GLU A 420 11.06 22.30 -21.71
CA GLU A 420 12.25 22.30 -20.87
C GLU A 420 12.26 21.10 -19.98
N ARG A 421 11.08 20.73 -19.49
CA ARG A 421 11.04 19.49 -18.64
C ARG A 421 11.52 18.23 -19.32
N TYR A 422 11.18 18.04 -20.60
CA TYR A 422 11.68 16.92 -21.38
C TYR A 422 13.13 17.02 -21.84
N ILE A 423 13.60 18.24 -22.16
CA ILE A 423 15.04 18.49 -22.35
C ILE A 423 15.86 18.13 -21.06
N VAL A 424 15.38 18.61 -19.93
CA VAL A 424 15.97 18.23 -18.62
C VAL A 424 15.94 16.68 -18.41
N ALA A 425 14.79 16.07 -18.67
CA ALA A 425 14.59 14.68 -18.43
C ALA A 425 15.66 13.92 -19.19
N LYS A 426 15.73 14.19 -20.49
CA LYS A 426 16.73 13.60 -21.39
C LYS A 426 18.18 13.70 -20.90
N ALA A 427 18.55 14.90 -20.48
CA ALA A 427 19.85 15.21 -19.90
C ALA A 427 20.17 14.34 -18.67
N ILE A 428 19.21 14.20 -17.76
CA ILE A 428 19.37 13.42 -16.54
C ILE A 428 19.77 11.99 -16.89
N LYS A 429 19.02 11.42 -17.83
CA LYS A 429 19.24 10.08 -18.32
C LYS A 429 20.66 9.96 -18.92
N ARG A 430 21.02 10.95 -19.74
CA ARG A 430 22.32 11.00 -20.42
C ARG A 430 23.49 11.01 -19.45
N VAL A 431 23.49 12.01 -18.57
CA VAL A 431 24.51 12.11 -17.53
C VAL A 431 24.63 10.85 -16.64
N THR A 432 23.48 10.32 -16.22
CA THR A 432 23.45 9.21 -15.28
C THR A 432 24.07 7.95 -15.89
N ARG A 433 23.67 7.68 -17.12
CA ARG A 433 24.12 6.50 -17.79
C ARG A 433 25.57 6.68 -18.20
N GLU A 434 25.95 7.88 -18.63
CA GLU A 434 27.32 8.19 -19.04
C GLU A 434 28.29 7.96 -17.90
N ARG A 435 27.89 8.42 -16.73
CA ARG A 435 28.76 8.41 -15.57
C ARG A 435 28.56 7.18 -14.68
N LYS A 436 27.70 6.26 -15.11
CA LYS A 436 27.40 5.02 -14.37
C LYS A 436 26.99 5.32 -12.91
N ALA A 437 26.11 6.31 -12.74
CA ALA A 437 25.80 6.83 -11.44
C ALA A 437 24.37 6.47 -11.01
N VAL A 438 24.00 6.79 -9.78
CA VAL A 438 22.62 6.61 -9.35
C VAL A 438 21.99 7.97 -9.30
N THR A 439 20.75 8.05 -9.77
CA THR A 439 20.04 9.28 -9.74
C THR A 439 18.69 9.05 -9.17
N PHE A 440 18.31 9.90 -8.22
CA PHE A 440 16.97 9.88 -7.71
C PHE A 440 16.30 11.11 -8.24
N ILE A 441 15.12 10.97 -8.82
CA ILE A 441 14.44 12.25 -9.13
C ILE A 441 13.05 12.28 -8.54
N ILE A 442 12.75 13.35 -7.82
CA ILE A 442 11.44 13.49 -7.26
C ILE A 442 10.71 14.40 -8.19
N ASP A 443 9.55 13.99 -8.69
CA ASP A 443 8.79 14.92 -9.52
C ASP A 443 7.30 14.56 -9.52
N HIS A 444 6.45 15.54 -9.86
CA HIS A 444 5.01 15.40 -9.84
C HIS A 444 4.45 15.29 -11.27
N ASP A 445 5.31 15.39 -12.27
CA ASP A 445 4.89 15.13 -13.66
C ASP A 445 5.07 13.62 -13.97
N LEU A 446 3.95 12.89 -14.10
CA LEU A 446 3.96 11.45 -14.29
C LEU A 446 4.57 11.03 -15.61
N SER A 447 4.43 11.85 -16.65
CA SER A 447 5.05 11.54 -17.91
C SER A 447 6.57 11.59 -17.85
N ILE A 448 7.09 12.46 -17.00
CA ILE A 448 8.53 12.53 -16.83
C ILE A 448 9.01 11.22 -16.29
N HIS A 449 8.35 10.70 -15.28
CA HIS A 449 8.66 9.35 -14.77
C HIS A 449 8.59 8.26 -15.83
N ASP A 450 7.47 8.19 -16.53
CA ASP A 450 7.29 7.24 -17.59
C ASP A 450 8.46 7.38 -18.61
N TYR A 451 8.87 8.60 -18.90
CA TYR A 451 9.88 8.93 -19.91
C TYR A 451 11.30 8.50 -19.51
N ILE A 452 11.66 8.63 -18.24
CA ILE A 452 13.07 8.31 -17.87
C ILE A 452 13.34 7.46 -16.65
N ALA A 453 12.37 7.33 -15.74
CA ALA A 453 12.55 6.47 -14.56
C ALA A 453 12.74 5.00 -14.99
N ASP A 454 13.81 4.36 -14.51
CA ASP A 454 13.95 2.88 -14.66
C ASP A 454 13.20 2.10 -13.60
N ARG A 455 13.20 2.59 -12.37
CA ARG A 455 12.32 2.05 -11.35
C ARG A 455 11.76 3.22 -10.55
N ILE A 456 10.66 2.99 -9.82
CA ILE A 456 10.12 4.07 -9.00
C ILE A 456 9.98 3.72 -7.52
N ILE A 457 9.96 4.75 -6.68
CA ILE A 457 9.61 4.57 -5.31
C ILE A 457 8.32 5.35 -5.10
N VAL A 458 7.28 4.66 -4.63
CA VAL A 458 6.03 5.36 -4.27
C VAL A 458 5.91 5.65 -2.78
N PHE A 459 5.55 6.90 -2.46
CA PHE A 459 5.31 7.33 -1.09
C PHE A 459 3.83 7.41 -0.88
N LYS A 460 3.37 6.70 0.14
CA LYS A 460 1.97 6.66 0.48
C LYS A 460 1.76 7.03 1.96
N GLY A 461 0.58 7.53 2.28
CA GLY A 461 0.24 7.83 3.65
C GLY A 461 -0.64 9.04 3.78
N GLU A 462 -0.44 9.79 4.85
CA GLU A 462 -1.25 10.97 5.12
C GLU A 462 -0.30 12.14 5.22
N PRO A 463 -0.42 13.08 4.26
CA PRO A 463 0.41 14.27 4.35
C PRO A 463 0.48 14.80 5.75
N GLU A 464 1.70 15.10 6.19
CA GLU A 464 1.98 15.75 7.47
C GLU A 464 2.02 14.83 8.69
N LYS A 465 1.54 13.58 8.54
CA LYS A 465 1.38 12.72 9.73
C LYS A 465 2.25 11.46 9.59
N ALA A 466 2.11 10.76 8.48
CA ALA A 466 2.88 9.52 8.26
C ALA A 466 3.11 9.26 6.78
N GLY A 467 4.35 8.95 6.39
CA GLY A 467 4.64 8.48 5.03
C GLY A 467 5.37 7.13 5.05
N LEU A 468 4.98 6.26 4.12
CA LEU A 468 5.55 4.95 3.94
C LEU A 468 5.95 4.86 2.47
N ALA A 469 7.21 4.55 2.21
CA ALA A 469 7.68 4.49 0.85
C ALA A 469 8.12 3.06 0.58
N THR A 470 7.83 2.61 -0.64
CA THR A 470 8.12 1.23 -1.06
C THR A 470 9.60 1.16 -1.39
N SER A 471 10.13 -0.06 -1.56
CA SER A 471 11.40 -0.25 -2.21
C SER A 471 11.29 0.14 -3.69
N PRO A 472 12.44 0.29 -4.38
CA PRO A 472 12.35 0.57 -5.78
C PRO A 472 11.74 -0.57 -6.57
N VAL A 473 10.68 -0.28 -7.32
CA VAL A 473 10.02 -1.35 -8.07
C VAL A 473 9.93 -0.97 -9.56
N THR A 474 9.53 -1.90 -10.42
CA THR A 474 9.33 -1.59 -11.86
C THR A 474 8.23 -0.54 -12.02
N LEU A 475 8.33 0.32 -13.04
CA LEU A 475 7.31 1.35 -13.29
C LEU A 475 5.93 0.76 -13.24
N LYS A 476 5.81 -0.43 -13.80
CA LYS A 476 4.54 -1.14 -13.93
C LYS A 476 4.00 -1.50 -12.56
N THR A 477 4.87 -2.06 -11.72
CA THR A 477 4.48 -2.52 -10.40
C THR A 477 4.01 -1.36 -9.54
N GLY A 478 4.76 -0.25 -9.59
CA GLY A 478 4.50 0.92 -8.78
C GLY A 478 3.33 1.76 -9.30
N MET A 479 3.28 1.93 -10.62
CA MET A 479 2.23 2.76 -11.21
C MET A 479 0.90 2.08 -11.01
N ASN A 480 0.87 0.75 -11.14
CA ASN A 480 -0.36 -0.01 -10.94
C ASN A 480 -1.03 0.25 -9.60
N GLU A 481 -0.26 0.12 -8.51
CA GLU A 481 -0.72 0.43 -7.15
C GLU A 481 -1.07 1.94 -6.96
N PHE A 482 -0.21 2.83 -7.47
CA PHE A 482 -0.47 4.28 -7.40
C PHE A 482 -1.74 4.71 -8.18
N LEU A 483 -1.88 4.26 -9.43
CA LEU A 483 -3.05 4.58 -10.23
C LEU A 483 -4.31 4.01 -9.61
N ARG A 484 -4.22 2.81 -9.02
CA ARG A 484 -5.40 2.20 -8.44
C ARG A 484 -6.03 3.06 -7.34
N GLU A 485 -5.21 3.60 -6.44
CA GLU A 485 -5.68 4.44 -5.34
C GLU A 485 -6.36 5.68 -5.92
N LEU A 486 -5.73 6.18 -6.98
CA LEU A 486 -6.15 7.37 -7.72
C LEU A 486 -7.33 7.09 -8.63
N GLU A 487 -7.71 5.83 -8.77
CA GLU A 487 -8.89 5.43 -9.55
C GLU A 487 -8.84 5.85 -11.04
N VAL A 488 -7.63 5.84 -11.62
CA VAL A 488 -7.48 6.03 -13.07
C VAL A 488 -6.66 4.91 -13.72
N THR A 489 -6.88 4.74 -15.02
CA THR A 489 -6.22 3.70 -15.79
C THR A 489 -5.42 4.31 -16.94
N PHE A 490 -4.26 3.74 -17.17
CA PHE A 490 -3.37 4.18 -18.23
C PHE A 490 -3.22 3.10 -19.27
N ARG A 491 -3.24 3.51 -20.54
CA ARG A 491 -2.80 2.66 -21.63
C ARG A 491 -1.66 3.33 -22.42
N ARG A 492 -1.13 2.61 -23.39
CA ARG A 492 -0.09 3.14 -24.28
C ARG A 492 -0.71 3.67 -25.57
N ASP A 493 -0.32 4.88 -25.99
CA ASP A 493 -0.76 5.36 -27.30
C ASP A 493 -0.09 4.54 -28.40
N ALA A 494 -0.86 4.18 -29.43
CA ALA A 494 -0.38 3.35 -30.54
C ALA A 494 0.78 3.98 -31.31
N GLU A 495 0.60 5.24 -31.68
CA GLU A 495 1.59 5.99 -32.43
C GLU A 495 2.89 6.33 -31.67
N THR A 496 2.79 6.98 -30.51
CA THR A 496 3.98 7.46 -29.79
C THR A 496 4.35 6.66 -28.54
N GLY A 497 3.52 5.69 -28.18
CA GLY A 497 3.74 4.95 -26.93
C GLY A 497 3.70 5.80 -25.66
N ARG A 498 3.11 7.00 -25.75
CA ARG A 498 3.04 7.85 -24.57
C ARG A 498 1.92 7.32 -23.67
N PRO A 499 2.00 7.54 -22.37
CA PRO A 499 0.85 7.11 -21.58
C PRO A 499 -0.38 7.93 -21.91
N ARG A 500 -1.52 7.25 -22.01
CA ARG A 500 -2.80 7.87 -22.24
C ARG A 500 -3.71 7.53 -21.08
N VAL A 501 -4.37 8.51 -20.50
CA VAL A 501 -5.27 8.19 -19.40
C VAL A 501 -6.67 8.03 -19.93
N ASN A 502 -7.28 6.88 -19.65
CA ASN A 502 -8.70 6.68 -19.92
C ASN A 502 -9.50 7.63 -19.04
N LYS A 503 -10.33 8.46 -19.67
CA LYS A 503 -11.29 9.31 -18.95
C LYS A 503 -12.20 8.39 -18.10
N ILE A 504 -12.46 8.80 -16.86
CA ILE A 504 -13.28 8.01 -15.92
C ILE A 504 -14.63 7.69 -16.54
N GLY A 505 -15.03 6.42 -16.48
CA GLY A 505 -16.31 5.98 -17.03
C GLY A 505 -16.20 5.34 -18.41
N SER A 506 -15.14 5.71 -19.13
CA SER A 506 -14.92 5.31 -20.52
C SER A 506 -14.79 3.79 -20.75
N TYR A 507 -14.83 3.41 -22.03
CA TYR A 507 -14.84 2.00 -22.45
C TYR A 507 -13.71 1.18 -21.80
N LEU A 508 -12.47 1.58 -22.07
CA LEU A 508 -11.27 0.90 -21.54
C LEU A 508 -11.11 1.06 -20.03
N ASP A 509 -11.79 2.03 -19.47
CA ASP A 509 -11.61 2.37 -18.07
C ASP A 509 -12.17 1.31 -17.14
N ARG A 510 -13.38 0.84 -17.41
CA ARG A 510 -14.01 -0.13 -16.52
C ARG A 510 -13.47 -1.54 -16.74
N VAL A 511 -13.03 -1.83 -17.96
CA VAL A 511 -12.48 -3.15 -18.27
C VAL A 511 -11.11 -3.37 -17.63
N GLN A 512 -10.19 -2.42 -17.85
CA GLN A 512 -8.89 -2.43 -17.21
C GLN A 512 -9.02 -2.46 -15.68
N LYS A 513 -10.12 -1.90 -15.20
CA LYS A 513 -10.40 -1.79 -13.76
C LYS A 513 -10.74 -3.17 -13.20
N GLU A 514 -11.52 -3.93 -13.96
CA GLU A 514 -11.84 -5.30 -13.61
C GLU A 514 -10.61 -6.20 -13.62
N ARG A 515 -9.75 -6.01 -14.61
CA ARG A 515 -8.52 -6.80 -14.74
C ARG A 515 -7.51 -6.51 -13.63
N GLY A 516 -7.61 -5.35 -13.01
CA GLY A 516 -6.57 -4.87 -12.09
C GLY A 516 -5.35 -4.36 -12.85
N ASP A 517 -5.57 -4.02 -14.12
CA ASP A 517 -4.54 -3.61 -15.05
C ASP A 517 -4.63 -2.08 -15.19
N TYR A 518 -4.26 -1.38 -14.13
CA TYR A 518 -4.38 0.07 -14.05
C TYR A 518 -3.35 0.80 -14.89
N TYR A 519 -2.15 0.24 -14.95
CA TYR A 519 -1.08 0.76 -15.76
C TYR A 519 -0.82 -0.28 -16.84
N SER A 520 -1.55 -0.15 -17.95
CA SER A 520 -1.45 -1.10 -19.05
C SER A 520 -0.25 -0.85 -19.96
N MET A 521 0.49 -1.91 -20.22
CA MET A 521 1.65 -1.83 -21.10
C MET A 521 1.27 -2.28 -22.51
N VAL A 522 -0.03 -2.32 -22.79
CA VAL A 522 -0.56 -2.79 -24.07
C VAL A 522 -0.84 -1.62 -25.01
N LEU A 523 -0.32 -1.72 -26.24
CA LEU A 523 -0.45 -0.70 -27.28
C LEU A 523 -1.86 -0.64 -27.86
N SER A 524 -2.40 0.57 -27.98
CA SER A 524 -3.71 0.78 -28.63
C SER A 524 -4.84 0.08 -27.89
N THR A 525 -4.92 0.30 -26.58
CA THR A 525 -5.92 -0.34 -25.74
C THR A 525 -7.30 0.28 -25.97
N GLU B 2 -11.85 -49.25 20.08
CA GLU B 2 -10.91 -48.99 21.22
C GLU B 2 -9.77 -50.03 21.21
N GLY B 3 -8.68 -49.69 20.55
CA GLY B 3 -7.53 -50.59 20.36
C GLY B 3 -6.54 -50.61 21.50
N GLU B 4 -5.24 -50.54 21.18
CA GLU B 4 -4.20 -50.59 22.22
C GLU B 4 -3.90 -49.21 22.86
N VAL B 5 -3.96 -49.16 24.18
CA VAL B 5 -3.65 -47.90 24.84
C VAL B 5 -2.11 -47.77 24.90
N ILE B 6 -1.62 -46.59 24.51
CA ILE B 6 -0.19 -46.27 24.50
C ILE B 6 0.21 -45.62 25.82
N HIS B 7 -0.67 -44.73 26.33
CA HIS B 7 -0.40 -44.07 27.57
C HIS B 7 -1.66 -43.55 28.28
N ARG B 8 -1.58 -43.63 29.60
CA ARG B 8 -2.58 -43.18 30.49
C ARG B 8 -1.78 -42.61 31.64
N TYR B 9 -2.05 -41.35 31.97
CA TYR B 9 -1.40 -40.71 33.10
C TYR B 9 -1.91 -41.30 34.39
N LYS B 10 -3.23 -41.42 34.51
CA LYS B 10 -3.80 -41.96 35.75
C LYS B 10 -4.96 -42.87 35.46
N VAL B 11 -5.27 -43.72 36.43
CA VAL B 11 -6.40 -44.62 36.32
C VAL B 11 -7.62 -43.74 36.01
N ASN B 12 -8.47 -44.16 35.08
CA ASN B 12 -9.66 -43.36 34.68
C ASN B 12 -9.36 -41.93 34.15
N GLY B 13 -8.10 -41.63 33.89
CA GLY B 13 -7.77 -40.33 33.28
C GLY B 13 -7.70 -40.44 31.76
N PHE B 14 -7.35 -39.33 31.13
CA PHE B 14 -7.02 -39.34 29.71
C PHE B 14 -6.12 -40.53 29.26
N LYS B 15 -6.51 -41.13 28.13
CA LYS B 15 -5.76 -42.23 27.51
C LYS B 15 -5.47 -41.97 26.02
N LEU B 16 -4.29 -42.36 25.57
CA LEU B 16 -3.89 -42.14 24.18
C LEU B 16 -3.80 -43.47 23.43
N PHE B 17 -4.45 -43.55 22.25
CA PHE B 17 -4.26 -44.63 21.28
C PHE B 17 -3.39 -44.16 20.05
N GLY B 18 -2.40 -44.97 19.71
CA GLY B 18 -1.59 -44.69 18.52
C GLY B 18 -0.44 -43.73 18.73
N LEU B 19 0.50 -43.72 17.79
CA LEU B 19 1.57 -42.74 17.77
C LEU B 19 1.87 -42.41 16.30
N PRO B 20 2.18 -41.13 15.96
CA PRO B 20 2.63 -40.89 14.60
C PRO B 20 4.09 -41.34 14.45
N THR B 21 4.53 -41.65 13.24
CA THR B 21 5.91 -42.17 13.02
C THR B 21 6.74 -41.09 12.37
N PRO B 22 7.69 -40.47 13.12
CA PRO B 22 8.58 -39.46 12.56
C PRO B 22 9.37 -40.04 11.38
N LYS B 23 9.69 -39.18 10.41
CA LYS B 23 10.35 -39.60 9.17
C LYS B 23 11.57 -38.73 8.93
N ASN B 24 12.65 -39.37 8.49
CA ASN B 24 13.87 -38.64 8.28
C ASN B 24 13.67 -37.62 7.20
N ASN B 25 14.38 -36.49 7.29
CA ASN B 25 14.23 -35.39 6.31
C ASN B 25 12.77 -35.06 5.93
N THR B 26 11.88 -35.07 6.93
CA THR B 26 10.45 -34.81 6.72
C THR B 26 9.91 -34.00 7.88
N ILE B 27 9.01 -33.07 7.56
CA ILE B 27 8.29 -32.37 8.60
C ILE B 27 6.90 -32.93 8.76
N LEU B 28 6.64 -33.41 9.96
CA LEU B 28 5.47 -34.19 10.26
C LEU B 28 4.59 -33.27 11.11
N GLY B 29 3.37 -33.03 10.71
CA GLY B 29 2.47 -32.21 11.50
C GLY B 29 1.44 -33.05 12.18
N VAL B 30 1.01 -32.60 13.36
CA VAL B 30 0.04 -33.35 14.15
C VAL B 30 -1.01 -32.28 14.44
N LEU B 31 -2.25 -32.58 14.09
CA LEU B 31 -3.29 -31.60 14.10
C LEU B 31 -4.45 -32.15 14.91
N GLY B 32 -5.06 -31.32 15.74
CA GLY B 32 -6.29 -31.68 16.48
C GLY B 32 -6.71 -30.66 17.53
N LYS B 33 -7.96 -30.77 17.97
CA LYS B 33 -8.48 -29.93 19.01
C LYS B 33 -7.65 -30.10 20.30
N ASN B 34 -7.82 -29.23 21.30
CA ASN B 34 -7.02 -29.39 22.50
C ASN B 34 -7.57 -30.51 23.39
N GLY B 35 -6.69 -31.14 24.17
CA GLY B 35 -7.12 -32.18 25.12
C GLY B 35 -7.15 -33.61 24.61
N VAL B 36 -6.63 -33.84 23.39
CA VAL B 36 -6.62 -35.19 22.83
C VAL B 36 -5.27 -35.87 22.74
N GLY B 37 -4.25 -35.18 23.25
CA GLY B 37 -2.92 -35.83 23.46
C GLY B 37 -1.81 -35.39 22.55
N LYS B 38 -1.96 -34.23 21.88
CA LYS B 38 -0.87 -33.72 21.02
C LYS B 38 0.48 -33.58 21.79
N THR B 39 0.45 -32.81 22.88
CA THR B 39 1.64 -32.57 23.71
C THR B 39 2.11 -33.91 24.32
N THR B 40 1.17 -34.76 24.74
CA THR B 40 1.52 -36.10 25.21
C THR B 40 2.33 -36.82 24.15
N VAL B 41 1.80 -36.88 22.94
CA VAL B 41 2.47 -37.49 21.79
C VAL B 41 3.91 -36.96 21.58
N LEU B 42 4.08 -35.65 21.64
CA LEU B 42 5.33 -35.06 21.36
C LEU B 42 6.29 -35.42 22.49
N LYS B 43 5.79 -35.54 23.71
CA LYS B 43 6.70 -35.86 24.80
C LYS B 43 7.17 -37.35 24.71
N ILE B 44 6.29 -38.23 24.26
CA ILE B 44 6.62 -39.66 24.05
C ILE B 44 7.71 -39.73 22.94
N LEU B 45 7.55 -38.93 21.89
CA LEU B 45 8.48 -38.91 20.77
C LEU B 45 9.82 -38.33 21.17
N ALA B 46 9.83 -37.48 22.19
CA ALA B 46 11.03 -36.80 22.64
C ALA B 46 11.75 -37.59 23.69
N GLY B 47 11.18 -38.75 24.08
CA GLY B 47 11.72 -39.55 25.17
C GLY B 47 11.41 -39.02 26.57
N GLU B 48 10.67 -37.92 26.65
CA GLU B 48 10.28 -37.30 27.91
C GLU B 48 9.26 -38.10 28.72
N ILE B 49 8.35 -38.79 28.02
CA ILE B 49 7.45 -39.75 28.64
C ILE B 49 7.75 -41.13 28.04
N ILE B 50 7.99 -42.12 28.90
CA ILE B 50 8.06 -43.50 28.47
C ILE B 50 6.63 -44.06 28.50
N PRO B 51 6.09 -44.47 27.34
CA PRO B 51 4.70 -44.95 27.31
C PRO B 51 4.44 -46.12 28.30
N ASN B 52 3.33 -46.04 29.04
CA ASN B 52 3.01 -47.05 30.04
C ASN B 52 1.91 -48.00 29.57
N PHE B 53 1.51 -47.91 28.30
CA PHE B 53 0.47 -48.81 27.72
C PHE B 53 -0.79 -48.86 28.56
N GLY B 54 -1.15 -47.75 29.19
CA GLY B 54 -2.41 -47.65 29.94
C GLY B 54 -2.34 -48.05 31.40
N ASP B 55 -1.18 -48.49 31.86
CA ASP B 55 -1.04 -48.80 33.29
C ASP B 55 -0.02 -47.92 34.00
N PRO B 56 -0.50 -46.91 34.73
CA PRO B 56 0.42 -45.95 35.29
C PRO B 56 1.09 -46.46 36.57
N ASN B 57 0.58 -47.55 37.13
CA ASN B 57 1.19 -48.19 38.31
C ASN B 57 2.23 -49.26 37.90
N SER B 58 1.98 -49.89 36.75
CA SER B 58 2.95 -50.78 36.15
C SER B 58 3.86 -49.95 35.26
N LYS B 59 4.84 -49.30 35.86
CA LYS B 59 5.85 -48.64 35.07
C LYS B 59 6.57 -49.71 34.26
N VAL B 60 6.87 -49.37 33.01
CA VAL B 60 7.42 -50.31 32.04
C VAL B 60 8.87 -49.96 31.75
N GLY B 61 9.73 -50.98 31.65
CA GLY B 61 11.11 -50.79 31.19
C GLY B 61 11.12 -50.31 29.75
N LYS B 62 12.26 -49.82 29.28
CA LYS B 62 12.43 -49.34 27.89
C LYS B 62 12.55 -50.48 26.86
N ASP B 63 13.39 -51.46 27.17
CA ASP B 63 13.51 -52.66 26.35
C ASP B 63 12.14 -53.31 26.10
N GLU B 64 11.33 -53.36 27.15
CA GLU B 64 9.94 -53.82 27.13
C GLU B 64 9.02 -52.99 26.21
N VAL B 65 9.22 -51.68 26.20
CA VAL B 65 8.43 -50.80 25.35
C VAL B 65 8.79 -51.07 23.89
N LEU B 66 10.09 -51.25 23.62
CA LEU B 66 10.58 -51.61 22.27
C LEU B 66 10.05 -52.95 21.77
N LYS B 67 9.99 -53.96 22.62
CA LYS B 67 9.44 -55.24 22.17
C LYS B 67 7.93 -55.16 21.85
N ARG B 68 7.20 -54.29 22.53
CA ARG B 68 5.81 -54.07 22.19
C ARG B 68 5.63 -53.33 20.87
N PHE B 69 6.65 -52.58 20.44
CA PHE B 69 6.62 -51.90 19.13
C PHE B 69 7.13 -52.73 17.95
N ARG B 70 7.62 -53.95 18.21
CA ARG B 70 8.14 -54.76 17.11
C ARG B 70 7.06 -54.94 16.06
N GLY B 71 7.45 -54.72 14.80
CA GLY B 71 6.53 -54.79 13.68
C GLY B 71 6.02 -53.44 13.26
N LYS B 72 5.56 -52.65 14.23
CA LYS B 72 4.86 -51.40 13.95
C LYS B 72 5.78 -50.39 13.28
N GLU B 73 5.18 -49.52 12.47
CA GLU B 73 5.84 -48.38 11.85
C GLU B 73 6.87 -47.70 12.75
N ILE B 74 6.56 -47.62 14.03
CA ILE B 74 7.36 -46.81 14.89
C ILE B 74 8.60 -47.46 15.46
N TYR B 75 8.72 -48.79 15.41
CA TYR B 75 9.85 -49.46 16.03
C TYR B 75 11.19 -48.76 15.80
N ASN B 76 11.47 -48.43 14.55
CA ASN B 76 12.84 -48.07 14.14
C ASN B 76 13.25 -46.76 14.76
N TYR B 77 12.30 -45.82 14.81
CA TYR B 77 12.49 -44.55 15.50
C TYR B 77 12.78 -44.71 16.99
N PHE B 78 11.94 -45.50 17.67
CA PHE B 78 12.13 -45.80 19.08
C PHE B 78 13.43 -46.56 19.31
N LYS B 79 13.77 -47.46 18.39
CA LYS B 79 15.07 -48.08 18.50
C LYS B 79 16.14 -46.98 18.60
N GLU B 80 16.18 -46.09 17.63
CA GLU B 80 17.14 -44.96 17.67
C GLU B 80 17.06 -44.18 18.99
N LEU B 81 15.82 -43.80 19.40
CA LEU B 81 15.60 -43.06 20.64
C LEU B 81 16.11 -43.78 21.88
N TYR B 82 15.71 -45.02 22.08
CA TYR B 82 16.15 -45.75 23.27
C TYR B 82 17.58 -46.31 23.16
N SER B 83 18.25 -46.04 22.05
CA SER B 83 19.67 -46.43 21.90
C SER B 83 20.55 -45.23 22.10
N ASN B 84 19.93 -44.11 22.46
CA ASN B 84 20.63 -42.84 22.69
C ASN B 84 21.31 -42.28 21.44
N GLU B 85 20.68 -42.48 20.29
CA GLU B 85 21.27 -42.00 19.04
C GLU B 85 20.75 -40.63 18.61
N LEU B 86 19.72 -40.14 19.31
CA LEU B 86 19.07 -38.88 18.90
C LEU B 86 19.21 -37.78 19.94
N LYS B 87 19.81 -36.67 19.52
CA LYS B 87 19.70 -35.47 20.31
C LYS B 87 18.39 -34.78 19.87
N ILE B 88 17.61 -34.37 20.85
CA ILE B 88 16.26 -33.91 20.61
C ILE B 88 16.15 -32.49 21.13
N VAL B 89 15.55 -31.61 20.30
CA VAL B 89 15.29 -30.22 20.70
C VAL B 89 13.76 -30.05 20.74
N HIS B 90 13.25 -29.50 21.83
CA HIS B 90 11.80 -29.45 22.03
C HIS B 90 11.40 -28.04 22.47
N LYS B 91 10.76 -27.32 21.57
CA LYS B 91 10.25 -25.95 21.84
C LYS B 91 8.88 -26.18 22.38
N ILE B 92 8.76 -25.99 23.69
CA ILE B 92 7.58 -26.46 24.40
C ILE B 92 6.38 -25.52 24.18
N GLN B 93 5.18 -26.05 24.38
CA GLN B 93 3.94 -25.24 24.26
C GLN B 93 3.91 -24.02 25.20
N TYR B 94 4.31 -24.23 26.44
CA TYR B 94 4.10 -23.22 27.51
C TYR B 94 5.25 -22.26 27.63
N VAL B 95 5.22 -21.21 26.82
CA VAL B 95 6.35 -20.28 26.69
C VAL B 95 6.70 -19.57 27.98
N GLU B 96 5.68 -19.29 28.80
CA GLU B 96 5.86 -18.68 30.10
C GLU B 96 6.71 -19.57 31.02
N TYR B 97 6.32 -20.84 31.18
CA TYR B 97 7.14 -21.77 31.95
C TYR B 97 8.59 -21.79 31.43
N ALA B 98 8.75 -21.80 30.10
CA ALA B 98 10.08 -21.90 29.46
C ALA B 98 10.97 -20.65 29.60
N SER B 99 10.40 -19.55 30.08
CA SER B 99 11.07 -18.24 30.00
C SER B 99 11.53 -17.65 31.32
N LYS B 100 11.21 -18.31 32.44
CA LYS B 100 11.67 -17.86 33.75
C LYS B 100 13.10 -18.31 33.97
N PHE B 101 13.47 -19.42 33.34
CA PHE B 101 14.81 -20.01 33.43
C PHE B 101 15.87 -19.20 32.69
N LEU B 102 15.43 -18.41 31.71
CA LEU B 102 16.33 -17.61 30.87
C LEU B 102 16.84 -16.36 31.58
N LYS B 103 18.13 -16.11 31.42
CA LYS B 103 18.76 -14.95 32.03
C LYS B 103 19.63 -14.19 31.02
N GLY B 104 19.51 -12.87 31.02
CA GLY B 104 20.21 -12.01 30.07
C GLY B 104 19.37 -11.65 28.85
N THR B 105 19.98 -10.88 27.95
CA THR B 105 19.31 -10.38 26.76
C THR B 105 19.14 -11.46 25.69
N VAL B 106 18.35 -11.14 24.68
CA VAL B 106 18.16 -12.03 23.53
C VAL B 106 19.49 -12.36 22.84
N ASN B 107 20.28 -11.35 22.52
CA ASN B 107 21.56 -11.58 21.87
C ASN B 107 22.47 -12.47 22.75
N GLU B 108 22.63 -12.12 24.02
CA GLU B 108 23.42 -12.93 24.97
C GLU B 108 22.97 -14.40 25.02
N ILE B 109 21.66 -14.61 25.09
CA ILE B 109 21.10 -15.97 25.18
C ILE B 109 21.47 -16.78 23.94
N LEU B 110 21.23 -16.21 22.78
CA LEU B 110 21.38 -16.93 21.52
C LEU B 110 22.86 -17.11 21.14
N THR B 111 23.68 -16.23 21.66
CA THR B 111 25.10 -16.33 21.38
C THR B 111 25.72 -17.53 22.12
N LYS B 112 25.18 -17.86 23.29
CA LYS B 112 25.70 -18.99 24.08
C LYS B 112 25.38 -20.32 23.42
N ILE B 113 24.13 -20.45 22.95
CA ILE B 113 23.61 -21.74 22.49
C ILE B 113 23.78 -22.01 20.98
N ASP B 114 24.34 -21.05 20.24
CA ASP B 114 24.55 -21.21 18.79
C ASP B 114 25.56 -22.30 18.45
N GLU B 115 25.05 -23.52 18.35
CA GLU B 115 25.85 -24.66 17.95
C GLU B 115 25.97 -24.74 16.42
N ARG B 116 25.08 -24.05 15.70
CA ARG B 116 25.05 -24.19 14.24
C ARG B 116 25.71 -23.04 13.46
N GLY B 117 26.11 -21.97 14.16
CA GLY B 117 26.60 -20.74 13.53
C GLY B 117 25.56 -20.06 12.64
N LYS B 118 24.36 -19.86 13.16
CA LYS B 118 23.30 -19.28 12.35
C LYS B 118 22.62 -18.14 13.07
N LYS B 119 23.28 -17.57 14.07
CA LYS B 119 22.67 -16.49 14.83
C LYS B 119 22.12 -15.41 13.91
N ASP B 120 22.96 -14.94 12.98
CA ASP B 120 22.58 -13.87 12.05
C ASP B 120 21.46 -14.28 11.11
N GLU B 121 21.50 -15.54 10.68
CA GLU B 121 20.44 -16.07 9.85
C GLU B 121 19.05 -16.01 10.55
N VAL B 122 18.96 -16.54 11.77
CA VAL B 122 17.72 -16.48 12.56
C VAL B 122 17.30 -15.03 12.80
N LYS B 123 18.26 -14.22 13.23
CA LYS B 123 18.05 -12.79 13.42
C LYS B 123 17.26 -12.23 12.25
N GLU B 124 17.77 -12.49 11.05
CA GLU B 124 17.18 -12.06 9.80
C GLU B 124 15.79 -12.65 9.55
N LEU B 125 15.67 -13.98 9.59
CA LEU B 125 14.42 -14.63 9.18
C LEU B 125 13.25 -14.40 10.16
N LEU B 126 13.57 -14.34 11.46
CA LEU B 126 12.58 -14.12 12.52
C LEU B 126 12.47 -12.61 12.85
N ASN B 127 13.26 -11.79 12.14
CA ASN B 127 13.21 -10.33 12.23
C ASN B 127 13.44 -9.90 13.68
N MET B 128 14.58 -10.30 14.24
CA MET B 128 14.74 -10.19 15.69
C MET B 128 15.54 -8.96 16.14
N THR B 129 15.58 -7.95 15.26
CA THR B 129 16.25 -6.70 15.53
C THR B 129 15.62 -5.92 16.71
N ASN B 130 14.29 -5.73 16.71
CA ASN B 130 13.64 -4.99 17.82
C ASN B 130 13.77 -5.63 19.21
N LEU B 131 14.20 -6.89 19.26
CA LEU B 131 14.33 -7.64 20.51
C LEU B 131 15.78 -7.88 20.89
N TRP B 132 16.69 -7.62 19.97
CA TRP B 132 18.06 -8.15 20.06
C TRP B 132 18.74 -7.89 21.40
N ASN B 133 18.51 -6.71 21.97
CA ASN B 133 19.19 -6.29 23.20
C ASN B 133 18.27 -6.05 24.40
N LYS B 134 17.14 -6.76 24.41
CA LYS B 134 16.16 -6.68 25.47
C LYS B 134 16.27 -7.90 26.35
N ASP B 135 16.00 -7.71 27.65
CA ASP B 135 16.07 -8.83 28.57
C ASP B 135 14.90 -9.77 28.34
N ALA B 136 15.19 -11.07 28.42
CA ALA B 136 14.17 -12.12 28.34
C ALA B 136 13.00 -11.89 29.31
N ASN B 137 13.29 -11.23 30.44
CA ASN B 137 12.33 -10.84 31.45
C ASN B 137 11.40 -9.68 31.04
N ILE B 138 11.80 -8.93 30.00
CA ILE B 138 10.98 -7.81 29.48
C ILE B 138 10.16 -8.22 28.24
N LEU B 139 10.21 -9.50 27.90
CA LEU B 139 9.59 -9.96 26.65
C LEU B 139 8.12 -10.24 26.79
N SER B 140 7.36 -9.77 25.80
CA SER B 140 5.96 -10.17 25.61
C SER B 140 5.81 -11.63 25.17
N GLY B 141 4.57 -12.12 25.15
CA GLY B 141 4.28 -13.47 24.64
C GLY B 141 4.98 -13.80 23.32
N GLY B 142 4.81 -12.93 22.33
CA GLY B 142 5.35 -13.16 20.99
C GLY B 142 6.85 -13.03 20.97
N GLY B 143 7.37 -12.09 21.77
CA GLY B 143 8.81 -11.96 21.98
C GLY B 143 9.43 -13.27 22.43
N LEU B 144 8.89 -13.81 23.52
CA LEU B 144 9.34 -15.11 24.06
C LEU B 144 9.20 -16.21 23.04
N GLN B 145 8.06 -16.22 22.33
CA GLN B 145 7.89 -17.19 21.30
C GLN B 145 8.96 -17.11 20.22
N ARG B 146 9.26 -15.94 19.69
CA ARG B 146 10.37 -15.86 18.72
C ARG B 146 11.71 -16.30 19.31
N LEU B 147 11.98 -15.91 20.56
CA LEU B 147 13.22 -16.31 21.25
C LEU B 147 13.40 -17.84 21.39
N LEU B 148 12.36 -18.52 21.87
CA LEU B 148 12.38 -19.97 21.96
C LEU B 148 12.56 -20.68 20.63
N VAL B 149 11.80 -20.28 19.62
CA VAL B 149 11.88 -20.90 18.30
C VAL B 149 13.28 -20.61 17.73
N ALA B 150 13.77 -19.37 17.86
CA ALA B 150 15.16 -19.04 17.54
C ALA B 150 16.14 -19.92 18.30
N ALA B 151 15.98 -20.05 19.61
CA ALA B 151 16.96 -20.86 20.38
C ALA B 151 16.95 -22.33 19.90
N SER B 152 15.76 -22.82 19.60
CA SER B 152 15.56 -24.14 19.00
C SER B 152 16.31 -24.30 17.69
N LEU B 153 16.17 -23.33 16.81
CA LEU B 153 16.80 -23.41 15.49
C LEU B 153 18.32 -23.43 15.55
N LEU B 154 18.89 -22.80 16.57
CA LEU B 154 20.33 -22.65 16.66
C LEU B 154 21.10 -23.83 17.27
N ARG B 155 20.37 -24.71 17.95
CA ARG B 155 20.97 -25.92 18.53
C ARG B 155 21.13 -27.04 17.50
N GLU B 156 22.18 -27.85 17.68
CA GLU B 156 22.46 -29.00 16.85
C GLU B 156 21.73 -30.19 17.47
N ALA B 157 20.93 -30.89 16.67
CA ALA B 157 20.08 -31.98 17.14
C ALA B 157 19.68 -32.81 15.94
N ASP B 158 19.15 -34.01 16.21
CA ASP B 158 18.63 -34.89 15.16
C ASP B 158 17.10 -34.71 15.02
N VAL B 159 16.44 -34.41 16.12
CA VAL B 159 15.00 -34.29 16.17
C VAL B 159 14.61 -32.92 16.70
N TYR B 160 13.71 -32.24 15.99
CA TYR B 160 13.32 -30.90 16.38
C TYR B 160 11.83 -30.83 16.55
N ILE B 161 11.38 -30.57 17.74
CA ILE B 161 9.93 -30.61 17.99
C ILE B 161 9.45 -29.24 18.42
N PHE B 162 8.38 -28.77 17.77
CA PHE B 162 7.78 -27.46 18.04
C PHE B 162 6.31 -27.62 18.42
N ASP B 163 6.01 -27.41 19.68
CA ASP B 163 4.65 -27.55 20.09
C ASP B 163 4.01 -26.16 19.99
N GLN B 164 3.09 -25.96 19.05
CA GLN B 164 2.29 -24.70 18.88
C GLN B 164 3.16 -23.44 18.76
N PRO B 165 4.11 -23.44 17.82
CA PRO B 165 4.92 -22.24 17.59
C PRO B 165 4.19 -20.95 17.16
N SER B 166 2.98 -21.03 16.59
CA SER B 166 2.22 -19.82 16.20
C SER B 166 1.53 -19.06 17.37
N SER B 167 1.44 -19.67 18.55
CA SER B 167 0.81 -18.94 19.65
C SER B 167 1.53 -17.64 19.93
N TYR B 168 0.75 -16.60 20.21
CA TYR B 168 1.28 -15.25 20.45
C TYR B 168 1.91 -14.50 19.23
N LEU B 169 2.06 -15.16 18.11
CA LEU B 169 2.67 -14.53 16.93
C LEU B 169 1.59 -13.85 16.10
N ASP B 170 1.85 -12.62 15.69
CA ASP B 170 1.00 -11.94 14.71
C ASP B 170 1.09 -12.60 13.31
N VAL B 171 0.19 -12.18 12.42
CA VAL B 171 0.05 -12.79 11.09
C VAL B 171 1.38 -12.87 10.30
N ARG B 172 2.16 -11.79 10.29
CA ARG B 172 3.48 -11.82 9.61
C ARG B 172 4.51 -12.69 10.36
N GLU B 173 4.55 -12.58 11.67
CA GLU B 173 5.47 -13.40 12.47
C GLU B 173 5.28 -14.93 12.27
N ARG B 174 4.02 -15.39 12.16
CA ARG B 174 3.80 -16.81 11.96
C ARG B 174 4.34 -17.31 10.63
N MET B 175 4.23 -16.49 9.59
CA MET B 175 4.77 -16.85 8.27
C MET B 175 6.30 -16.81 8.24
N ASN B 176 6.90 -15.81 8.87
CA ASN B 176 8.35 -15.81 9.03
C ASN B 176 8.83 -17.04 9.80
N MET B 177 8.06 -17.42 10.83
CA MET B 177 8.41 -18.56 11.64
C MET B 177 8.33 -19.85 10.80
N ALA B 178 7.26 -19.96 9.98
CA ALA B 178 7.12 -21.10 9.07
C ALA B 178 8.25 -21.22 8.00
N LYS B 179 8.65 -20.10 7.39
CA LYS B 179 9.75 -20.09 6.41
C LYS B 179 11.06 -20.53 7.08
N ALA B 180 11.29 -20.03 8.29
CA ALA B 180 12.53 -20.25 9.00
C ALA B 180 12.72 -21.71 9.33
N ILE B 181 11.66 -22.32 9.83
CA ILE B 181 11.73 -23.72 10.25
C ILE B 181 11.97 -24.63 9.06
N ARG B 182 11.23 -24.38 7.98
CA ARG B 182 11.40 -25.05 6.70
C ARG B 182 12.80 -24.78 6.08
N GLU B 183 13.28 -23.55 6.14
CA GLU B 183 14.58 -23.24 5.52
C GLU B 183 15.73 -23.84 6.31
N LEU B 184 15.61 -23.86 7.63
CA LEU B 184 16.79 -24.19 8.45
C LEU B 184 16.86 -25.63 8.91
N LEU B 185 15.84 -26.44 8.62
CA LEU B 185 15.82 -27.81 9.17
C LEU B 185 15.71 -28.98 8.20
N LYS B 186 16.34 -28.82 7.05
CA LYS B 186 16.56 -29.88 6.06
C LYS B 186 17.36 -31.03 6.66
N ASN B 187 17.05 -32.25 6.23
CA ASN B 187 17.73 -33.47 6.72
C ASN B 187 17.64 -33.75 8.21
N LYS B 188 16.50 -33.40 8.78
CA LYS B 188 16.19 -33.64 10.20
C LYS B 188 14.84 -34.35 10.39
N TYR B 189 14.66 -34.99 11.55
CA TYR B 189 13.32 -35.34 11.97
C TYR B 189 12.69 -34.06 12.48
N VAL B 190 11.54 -33.68 11.94
CA VAL B 190 10.86 -32.52 12.56
C VAL B 190 9.44 -32.87 12.82
N ILE B 191 8.94 -32.59 14.02
CA ILE B 191 7.55 -32.78 14.32
C ILE B 191 6.99 -31.42 14.76
N VAL B 192 5.86 -31.00 14.19
CA VAL B 192 5.18 -29.75 14.60
C VAL B 192 3.70 -29.99 14.93
N VAL B 193 3.24 -29.35 16.02
CA VAL B 193 1.81 -29.25 16.33
C VAL B 193 1.45 -27.79 16.18
N ASP B 194 0.36 -27.54 15.48
CA ASP B 194 -0.12 -26.18 15.42
C ASP B 194 -1.62 -26.07 15.06
N HIS B 195 -2.25 -24.96 15.46
CA HIS B 195 -3.63 -24.68 15.16
C HIS B 195 -3.84 -23.81 13.96
N ASP B 196 -2.74 -23.24 13.44
CA ASP B 196 -2.87 -22.29 12.32
C ASP B 196 -2.71 -23.10 11.04
N LEU B 197 -3.78 -23.25 10.24
CA LEU B 197 -3.70 -24.16 9.07
C LEU B 197 -2.73 -23.69 7.98
N ILE B 198 -2.65 -22.38 7.72
CA ILE B 198 -1.65 -21.92 6.75
C ILE B 198 -0.23 -22.26 7.27
N VAL B 199 0.03 -22.09 8.57
CA VAL B 199 1.39 -22.37 9.11
C VAL B 199 1.70 -23.85 8.88
N LEU B 200 0.75 -24.72 9.25
CA LEU B 200 0.85 -26.13 8.95
C LEU B 200 0.98 -26.40 7.48
N ASP B 201 0.17 -25.73 6.66
CA ASP B 201 0.25 -25.90 5.22
C ASP B 201 1.66 -25.57 4.70
N TYR B 202 2.26 -24.52 5.22
CA TYR B 202 3.57 -24.18 4.74
C TYR B 202 4.60 -25.20 5.21
N LEU B 203 4.52 -25.60 6.47
CA LEU B 203 5.62 -26.30 7.12
C LEU B 203 5.72 -27.79 6.74
N THR B 204 4.59 -28.45 6.55
CA THR B 204 4.54 -29.92 6.72
C THR B 204 4.56 -30.65 5.42
N ASP B 205 5.21 -31.82 5.45
CA ASP B 205 5.17 -32.73 4.33
C ASP B 205 4.11 -33.81 4.62
N LEU B 206 4.00 -34.17 5.89
CA LEU B 206 3.08 -35.22 6.34
C LEU B 206 2.18 -34.65 7.46
N ILE B 207 0.99 -35.20 7.62
CA ILE B 207 0.00 -34.76 8.66
C ILE B 207 -0.65 -36.00 9.28
N HIS B 208 -0.59 -36.17 10.61
CA HIS B 208 -1.55 -37.03 11.29
C HIS B 208 -2.64 -36.18 11.98
N ILE B 209 -3.86 -36.72 12.12
CA ILE B 209 -4.88 -36.04 12.92
C ILE B 209 -5.07 -36.82 14.20
N ILE B 210 -5.14 -36.13 15.34
CA ILE B 210 -5.58 -36.77 16.58
C ILE B 210 -6.97 -36.31 16.84
N TYR B 211 -7.85 -37.27 17.05
CA TYR B 211 -9.26 -37.00 17.29
C TYR B 211 -9.68 -37.75 18.52
N GLY B 212 -10.89 -37.46 18.99
CA GLY B 212 -11.37 -38.10 20.21
C GLY B 212 -12.23 -37.15 21.03
N GLU B 213 -12.08 -37.24 22.34
CA GLU B 213 -12.89 -36.48 23.24
C GLU B 213 -11.89 -35.85 24.19
N SER B 214 -11.83 -34.50 24.20
CA SER B 214 -10.95 -33.79 25.12
C SER B 214 -11.00 -34.31 26.55
N SER B 215 -9.81 -34.50 27.12
CA SER B 215 -9.59 -34.97 28.48
C SER B 215 -9.88 -36.44 28.63
N VAL B 216 -10.51 -37.06 27.64
CA VAL B 216 -11.01 -38.43 27.87
C VAL B 216 -10.18 -39.42 27.07
N TYR B 217 -10.04 -39.23 25.74
CA TYR B 217 -9.16 -40.06 24.92
C TYR B 217 -8.86 -39.35 23.59
N GLY B 218 -7.71 -39.70 23.02
CA GLY B 218 -7.30 -39.22 21.71
C GLY B 218 -6.84 -40.42 20.91
N ARG B 219 -7.04 -40.37 19.61
CA ARG B 219 -6.68 -41.45 18.69
C ARG B 219 -5.88 -40.81 17.57
N VAL B 220 -4.67 -41.31 17.31
CA VAL B 220 -3.84 -40.83 16.22
C VAL B 220 -4.19 -41.53 14.92
N SER B 221 -4.54 -40.76 13.90
CA SER B 221 -4.87 -41.35 12.62
C SER B 221 -3.57 -41.92 11.96
N LYS B 222 -3.75 -42.61 10.87
CA LYS B 222 -2.63 -42.93 10.01
C LYS B 222 -2.04 -41.65 9.37
N SER B 223 -0.88 -41.83 8.73
CA SER B 223 -0.18 -40.78 8.05
C SER B 223 -0.95 -40.42 6.76
N TYR B 224 -1.00 -39.12 6.46
CA TYR B 224 -1.48 -38.62 5.16
C TYR B 224 -0.46 -37.62 4.57
N ALA B 225 -0.47 -37.47 3.25
CA ALA B 225 0.20 -36.33 2.61
C ALA B 225 -0.43 -35.10 3.25
N ALA B 226 0.38 -34.06 3.45
CA ALA B 226 -0.08 -32.89 4.19
C ALA B 226 -1.36 -32.28 3.61
N ARG B 227 -1.44 -32.20 2.28
CA ARG B 227 -2.63 -31.68 1.60
C ARG B 227 -3.87 -32.49 1.96
N VAL B 228 -3.73 -33.82 1.91
CA VAL B 228 -4.79 -34.76 2.22
C VAL B 228 -5.18 -34.68 3.67
N GLY B 229 -4.21 -34.57 4.58
CA GLY B 229 -4.48 -34.52 6.02
C GLY B 229 -5.25 -33.28 6.41
N ILE B 230 -4.84 -32.11 5.89
CA ILE B 230 -5.57 -30.84 6.19
C ILE B 230 -7.02 -30.85 5.64
N ASN B 231 -7.19 -31.23 4.38
CA ASN B 231 -8.54 -31.44 3.82
C ASN B 231 -9.39 -32.42 4.66
N ASN B 232 -8.77 -33.51 5.15
CA ASN B 232 -9.52 -34.50 5.97
C ASN B 232 -10.03 -33.83 7.26
N PHE B 233 -9.18 -32.99 7.85
CA PHE B 233 -9.59 -32.20 8.97
C PHE B 233 -10.79 -31.29 8.61
N LEU B 234 -10.73 -30.55 7.50
CA LEU B 234 -11.81 -29.70 7.07
C LEU B 234 -13.09 -30.48 6.81
N LYS B 235 -12.97 -31.66 6.21
CA LYS B 235 -14.16 -32.45 5.91
C LYS B 235 -14.78 -33.02 7.17
N GLY B 236 -13.95 -33.22 8.18
CA GLY B 236 -14.42 -33.81 9.43
C GLY B 236 -14.58 -35.33 9.34
N TYR B 237 -13.94 -35.97 8.38
CA TYR B 237 -13.89 -37.44 8.37
C TYR B 237 -12.63 -37.95 7.71
N LEU B 238 -12.36 -39.22 7.92
CA LEU B 238 -11.18 -39.85 7.38
C LEU B 238 -11.72 -40.82 6.37
N PRO B 239 -11.69 -40.44 5.08
CA PRO B 239 -12.24 -41.26 4.00
C PRO B 239 -11.70 -42.68 4.01
N ALA B 240 -10.40 -42.79 4.22
CA ALA B 240 -9.69 -44.06 4.11
C ALA B 240 -9.80 -44.99 5.34
N GLU B 241 -10.66 -44.67 6.31
CA GLU B 241 -10.91 -45.57 7.45
C GLU B 241 -12.34 -45.58 8.02
N ASN B 242 -13.29 -45.04 7.25
CA ASN B 242 -14.70 -45.02 7.63
C ASN B 242 -15.01 -44.28 8.93
N MET B 243 -14.42 -43.11 9.13
CA MET B 243 -14.39 -42.53 10.46
C MET B 243 -14.70 -41.03 10.44
N LYS B 244 -15.87 -40.68 10.95
CA LYS B 244 -16.35 -39.30 11.10
C LYS B 244 -15.73 -38.75 12.39
N ILE B 245 -14.96 -37.66 12.27
CA ILE B 245 -14.27 -37.09 13.46
C ILE B 245 -14.89 -35.80 14.02
N ARG B 246 -15.97 -35.35 13.37
CA ARG B 246 -16.66 -34.07 13.68
C ARG B 246 -17.95 -34.04 12.86
N PRO B 247 -19.08 -33.55 13.46
CA PRO B 247 -20.35 -33.70 12.72
C PRO B 247 -20.42 -32.89 11.41
N ASP B 248 -19.80 -31.71 11.33
CA ASP B 248 -19.78 -31.01 10.03
C ASP B 248 -18.47 -30.56 9.37
N GLU B 249 -18.60 -30.24 8.09
CA GLU B 249 -17.49 -29.74 7.29
C GLU B 249 -17.29 -28.26 7.45
N ILE B 250 -16.02 -27.88 7.30
CA ILE B 250 -15.59 -26.55 7.17
C ILE B 250 -15.37 -26.39 5.68
N LYS B 251 -16.17 -25.54 5.05
CA LYS B 251 -16.13 -25.39 3.57
C LYS B 251 -15.75 -24.00 3.09
N PHE B 252 -14.75 -23.94 2.21
CA PHE B 252 -14.23 -22.68 1.66
C PHE B 252 -14.83 -22.43 0.27
N MET B 253 -14.91 -21.17 -0.14
CA MET B 253 -15.45 -20.76 -1.46
C MET B 253 -16.87 -21.33 -1.72
N LEU B 254 -17.80 -21.05 -0.80
CA LEU B 254 -19.18 -21.51 -0.95
C LEU B 254 -20.21 -20.38 -1.08
N LYS B 255 -21.39 -20.75 -1.59
CA LYS B 255 -22.48 -19.82 -1.90
C LYS B 255 -22.05 -18.72 -2.87
N LEU B 266 -27.75 -5.11 -0.61
CA LEU B 266 -27.42 -3.93 -1.40
C LEU B 266 -27.11 -2.73 -0.52
N LYS B 267 -27.85 -2.59 0.59
CA LYS B 267 -27.70 -1.46 1.49
C LYS B 267 -26.30 -1.31 2.12
N THR B 268 -25.71 -0.12 1.92
CA THR B 268 -24.57 0.35 2.70
C THR B 268 -25.07 0.67 4.11
N LYS B 269 -24.57 -0.06 5.10
CA LYS B 269 -25.01 0.11 6.47
C LYS B 269 -24.22 1.21 7.20
N MET B 270 -22.93 1.32 6.87
CA MET B 270 -22.06 2.35 7.44
C MET B 270 -20.97 2.79 6.48
N LYS B 271 -20.56 4.03 6.62
CA LYS B 271 -19.39 4.49 5.90
C LYS B 271 -18.46 5.19 6.87
N TRP B 272 -17.25 5.50 6.42
CA TRP B 272 -16.29 6.29 7.19
C TRP B 272 -15.42 7.06 6.21
N THR B 273 -15.13 8.33 6.54
CA THR B 273 -14.00 9.03 5.94
C THR B 273 -12.65 8.43 6.34
N LYS B 274 -11.62 9.00 5.75
CA LYS B 274 -10.27 8.75 6.21
C LYS B 274 -10.28 9.03 7.70
N ILE B 275 -9.68 8.16 8.47
CA ILE B 275 -9.64 8.30 9.91
C ILE B 275 -8.17 8.37 10.40
N ILE B 276 -7.84 9.45 11.11
CA ILE B 276 -6.50 9.72 11.59
C ILE B 276 -6.50 9.79 13.11
N LYS B 277 -5.56 9.07 13.74
CA LYS B 277 -5.43 9.14 15.19
C LYS B 277 -3.97 9.01 15.63
N LYS B 278 -3.57 9.88 16.54
CA LYS B 278 -2.23 9.80 17.16
C LYS B 278 -2.43 9.36 18.59
N LEU B 279 -1.70 8.31 18.97
CA LEU B 279 -1.78 7.76 20.32
C LEU B 279 -0.35 7.55 20.82
N GLY B 280 0.04 8.27 21.85
CA GLY B 280 1.43 8.26 22.27
C GLY B 280 2.34 8.81 21.19
N ASP B 281 3.28 7.98 20.75
CA ASP B 281 4.17 8.34 19.63
C ASP B 281 3.51 7.86 18.33
N PHE B 282 2.56 6.95 18.48
CA PHE B 282 2.04 6.18 17.38
C PHE B 282 1.01 6.89 16.49
N GLN B 283 1.17 6.73 15.17
CA GLN B 283 0.32 7.41 14.21
C GLN B 283 -0.46 6.44 13.35
N LEU B 284 -1.79 6.54 13.41
CA LEU B 284 -2.66 5.69 12.62
C LEU B 284 -3.35 6.49 11.53
N VAL B 285 -3.45 5.85 10.38
CA VAL B 285 -4.16 6.36 9.24
C VAL B 285 -4.92 5.22 8.55
N VAL B 286 -6.24 5.31 8.58
CA VAL B 286 -7.14 4.38 7.94
C VAL B 286 -7.86 5.14 6.81
N ASP B 287 -7.76 4.58 5.61
CA ASP B 287 -8.43 5.06 4.40
C ASP B 287 -9.97 5.04 4.52
N ASN B 288 -10.65 5.90 3.76
CA ASN B 288 -12.12 5.88 3.75
C ASN B 288 -12.65 4.50 3.40
N GLY B 289 -13.87 4.21 3.82
CA GLY B 289 -14.46 2.91 3.57
C GLY B 289 -15.97 2.96 3.74
N GLU B 290 -16.60 1.84 3.44
CA GLU B 290 -18.02 1.65 3.68
C GLU B 290 -18.20 0.18 3.89
N ALA B 291 -19.28 -0.17 4.56
CA ALA B 291 -19.60 -1.57 4.91
C ALA B 291 -21.06 -1.83 4.54
N LYS B 292 -21.35 -3.00 3.96
CA LYS B 292 -22.70 -3.33 3.49
C LYS B 292 -23.40 -4.17 4.53
N GLU B 293 -24.73 -4.16 4.45
CA GLU B 293 -25.61 -4.91 5.34
C GLU B 293 -25.28 -6.39 5.28
N GLY B 294 -25.09 -7.04 6.41
CA GLY B 294 -24.76 -8.46 6.36
C GLY B 294 -23.26 -8.74 6.15
N GLU B 295 -22.45 -7.71 5.92
CA GLU B 295 -21.04 -7.93 5.55
C GLU B 295 -20.07 -8.19 6.72
N ILE B 296 -19.06 -9.01 6.47
CA ILE B 296 -17.96 -9.24 7.41
C ILE B 296 -16.67 -8.72 6.84
N ILE B 297 -16.06 -7.76 7.53
CA ILE B 297 -14.79 -7.19 7.11
C ILE B 297 -13.72 -7.70 8.07
N GLY B 298 -12.71 -8.45 7.55
CA GLY B 298 -11.59 -8.85 8.40
C GLY B 298 -10.49 -7.82 8.34
N ILE B 299 -9.81 -7.63 9.48
CA ILE B 299 -8.67 -6.73 9.63
C ILE B 299 -7.42 -7.59 9.90
N LEU B 300 -6.37 -7.39 9.11
CA LEU B 300 -5.18 -8.12 9.44
C LEU B 300 -3.96 -7.24 9.28
N GLY B 301 -2.93 -7.57 10.02
CA GLY B 301 -1.64 -6.90 9.90
C GLY B 301 -0.84 -7.29 11.12
N PRO B 302 0.44 -6.88 11.16
CA PRO B 302 1.26 -7.18 12.31
C PRO B 302 0.84 -6.45 13.57
N ASN B 303 1.33 -6.95 14.70
CA ASN B 303 1.06 -6.26 15.96
C ASN B 303 1.70 -4.87 16.08
N GLY B 304 1.07 -4.03 16.90
CA GLY B 304 1.52 -2.66 17.14
C GLY B 304 1.21 -1.72 15.98
N ILE B 305 0.30 -2.13 15.09
CA ILE B 305 0.09 -1.40 13.85
C ILE B 305 -1.16 -0.54 13.90
N GLY B 306 -1.94 -0.76 14.97
CA GLY B 306 -3.16 -0.02 15.19
C GLY B 306 -4.46 -0.69 14.89
N LYS B 307 -4.50 -2.02 14.85
CA LYS B 307 -5.76 -2.73 14.58
C LYS B 307 -6.77 -2.44 15.74
N THR B 308 -6.31 -2.56 16.98
CA THR B 308 -7.14 -2.35 18.16
C THR B 308 -7.57 -0.90 18.30
N THR B 309 -6.61 0.04 18.07
CA THR B 309 -6.90 1.46 18.02
C THR B 309 -8.06 1.70 17.09
N PHE B 310 -7.98 1.20 15.86
CA PHE B 310 -9.09 1.41 14.94
C PHE B 310 -10.40 0.80 15.50
N ALA B 311 -10.38 -0.43 16.04
CA ALA B 311 -11.57 -1.00 16.72
C ALA B 311 -12.13 -0.09 17.81
N ARG B 312 -11.25 0.48 18.62
CA ARG B 312 -11.64 1.27 19.72
C ARG B 312 -12.25 2.57 19.22
N ILE B 313 -11.85 3.02 18.02
CA ILE B 313 -12.50 4.15 17.39
C ILE B 313 -13.91 3.76 16.92
N LEU B 314 -14.06 2.58 16.29
CA LEU B 314 -15.37 2.12 15.82
C LEU B 314 -16.38 1.98 16.95
N VAL B 315 -15.91 1.42 18.07
CA VAL B 315 -16.79 1.20 19.21
C VAL B 315 -16.96 2.42 20.09
N GLY B 316 -16.28 3.52 19.79
CA GLY B 316 -16.49 4.76 20.52
C GLY B 316 -15.71 4.84 21.82
N GLU B 317 -14.77 3.93 22.03
CA GLU B 317 -13.93 3.96 23.21
C GLU B 317 -12.93 5.13 23.19
N ILE B 318 -12.42 5.45 22.00
CA ILE B 318 -11.57 6.60 21.83
C ILE B 318 -12.09 7.41 20.65
N THR B 319 -11.65 8.67 20.54
CA THR B 319 -12.10 9.55 19.47
C THR B 319 -10.96 9.78 18.45
N ALA B 320 -11.30 9.85 17.17
CA ALA B 320 -10.33 10.16 16.12
C ALA B 320 -9.90 11.61 16.18
N ASP B 321 -8.66 11.89 15.78
CA ASP B 321 -8.18 13.27 15.70
C ASP B 321 -8.89 13.97 14.54
N GLU B 322 -9.00 13.29 13.40
CA GLU B 322 -9.72 13.77 12.22
C GLU B 322 -10.48 12.57 11.59
N GLY B 323 -11.57 12.84 10.90
CA GLY B 323 -12.40 11.83 10.24
C GLY B 323 -13.61 11.41 11.05
N SER B 324 -14.64 10.94 10.36
CA SER B 324 -15.87 10.50 11.06
C SER B 324 -16.49 9.21 10.51
N VAL B 325 -17.14 8.46 11.39
CA VAL B 325 -17.89 7.29 10.96
C VAL B 325 -19.32 7.80 10.86
N THR B 326 -20.06 7.35 9.84
CA THR B 326 -21.52 7.59 9.74
C THR B 326 -22.26 6.21 9.69
N PRO B 327 -23.16 5.95 10.66
CA PRO B 327 -23.51 6.79 11.79
C PRO B 327 -22.36 6.81 12.79
N GLU B 328 -22.29 7.90 13.55
CA GLU B 328 -21.23 8.12 14.50
C GLU B 328 -21.33 7.07 15.60
N LYS B 329 -22.54 6.83 16.09
CA LYS B 329 -22.77 5.76 17.08
C LYS B 329 -23.93 4.79 16.75
N GLN B 330 -23.70 3.50 16.98
CA GLN B 330 -24.71 2.46 16.65
C GLN B 330 -24.93 1.51 17.82
N ILE B 331 -25.97 0.67 17.76
CA ILE B 331 -26.04 -0.43 18.70
C ILE B 331 -24.99 -1.47 18.34
N LEU B 332 -24.07 -1.64 19.28
CA LEU B 332 -22.87 -2.42 19.02
C LEU B 332 -22.65 -3.50 20.04
N SER B 333 -21.84 -4.47 19.64
CA SER B 333 -21.42 -5.48 20.59
C SER B 333 -19.95 -5.79 20.32
N TYR B 334 -19.14 -5.71 21.39
CA TYR B 334 -17.73 -5.58 21.26
C TYR B 334 -17.04 -6.66 22.10
N LYS B 335 -16.23 -7.46 21.42
CA LYS B 335 -15.43 -8.44 22.08
C LYS B 335 -13.97 -7.98 22.03
N PRO B 336 -13.42 -7.53 23.17
CA PRO B 336 -12.08 -6.93 23.18
C PRO B 336 -10.96 -7.97 23.12
N GLN B 337 -9.78 -7.53 22.72
CA GLN B 337 -8.63 -8.34 22.67
C GLN B 337 -8.21 -8.94 24.02
N ARG B 338 -8.03 -8.14 25.06
CA ARG B 338 -7.42 -8.78 26.25
C ARG B 338 -8.41 -9.72 26.99
N ILE B 339 -8.02 -10.95 27.26
CA ILE B 339 -8.94 -11.96 27.89
C ILE B 339 -8.68 -12.13 29.37
N PHE B 340 -9.69 -11.90 30.20
CA PHE B 340 -9.53 -12.05 31.66
C PHE B 340 -10.93 -12.27 32.22
N PRO B 341 -11.03 -12.92 33.39
CA PRO B 341 -12.38 -13.19 33.97
C PRO B 341 -12.99 -11.87 34.42
N ASN B 342 -14.16 -11.53 33.91
CA ASN B 342 -14.73 -10.19 34.15
C ASN B 342 -16.00 -10.24 34.98
N TYR B 343 -16.26 -11.35 35.64
CA TYR B 343 -17.58 -11.54 36.19
C TYR B 343 -17.56 -12.45 37.40
N ASP B 344 -18.37 -12.09 38.39
CA ASP B 344 -18.47 -12.76 39.69
C ASP B 344 -19.30 -14.05 39.75
N GLY B 345 -20.14 -14.29 38.74
CA GLY B 345 -21.12 -15.38 38.83
C GLY B 345 -20.76 -16.55 37.94
N THR B 346 -21.76 -17.36 37.63
CA THR B 346 -21.57 -18.52 36.77
C THR B 346 -21.69 -18.13 35.29
N VAL B 347 -21.24 -19.05 34.44
CA VAL B 347 -21.37 -18.97 33.00
C VAL B 347 -22.88 -18.87 32.66
N GLN B 348 -23.72 -19.58 33.40
CA GLN B 348 -25.13 -19.54 33.13
C GLN B 348 -25.65 -18.10 33.31
N GLN B 349 -25.30 -17.47 34.45
CA GLN B 349 -25.77 -16.09 34.74
C GLN B 349 -25.24 -15.11 33.71
N TYR B 350 -23.98 -15.28 33.33
CA TYR B 350 -23.36 -14.47 32.28
C TYR B 350 -24.14 -14.54 30.96
N LEU B 351 -24.47 -15.75 30.51
CA LEU B 351 -25.22 -15.92 29.26
C LEU B 351 -26.66 -15.44 29.40
N GLU B 352 -27.33 -15.81 30.48
CA GLU B 352 -28.68 -15.33 30.76
C GLU B 352 -28.78 -13.80 30.71
N ASN B 353 -27.74 -13.11 31.17
CA ASN B 353 -27.67 -11.62 31.11
C ASN B 353 -27.55 -11.10 29.67
N ALA B 354 -26.74 -11.78 28.87
CA ALA B 354 -26.55 -11.41 27.47
C ALA B 354 -27.89 -11.46 26.74
N SER B 355 -28.66 -12.54 26.91
CA SER B 355 -29.99 -12.63 26.28
C SER B 355 -30.90 -13.79 26.73
N LYS B 356 -32.16 -13.69 26.32
CA LYS B 356 -33.15 -14.77 26.52
C LYS B 356 -32.83 -16.01 25.70
N ASP B 357 -32.17 -15.83 24.57
CA ASP B 357 -31.88 -16.88 23.60
C ASP B 357 -30.71 -17.78 23.97
N ALA B 358 -29.62 -17.19 24.45
CA ALA B 358 -28.33 -17.93 24.54
C ALA B 358 -28.57 -19.29 25.15
N LEU B 359 -29.58 -19.37 26.02
CA LEU B 359 -29.83 -20.60 26.71
C LEU B 359 -31.20 -21.20 26.47
N SER B 360 -31.97 -20.62 25.54
CA SER B 360 -33.29 -21.18 25.23
C SER B 360 -33.12 -22.41 24.36
N THR B 361 -33.49 -23.59 24.88
CA THR B 361 -33.32 -24.85 24.19
C THR B 361 -34.06 -24.86 22.84
N SER B 362 -35.03 -23.97 22.69
CA SER B 362 -35.82 -23.86 21.45
C SER B 362 -35.18 -23.01 20.35
N SER B 363 -34.10 -22.30 20.66
CA SER B 363 -33.61 -21.23 19.76
C SER B 363 -32.48 -21.70 18.83
N TRP B 364 -32.42 -21.13 17.62
CA TRP B 364 -31.27 -21.32 16.73
C TRP B 364 -29.98 -20.95 17.46
N PHE B 365 -30.00 -19.89 18.26
CA PHE B 365 -28.78 -19.40 18.89
C PHE B 365 -28.12 -20.46 19.77
N PHE B 366 -28.90 -21.03 20.68
CA PHE B 366 -28.41 -22.07 21.59
C PHE B 366 -27.80 -23.26 20.86
N GLU B 367 -28.53 -23.68 19.84
CA GLU B 367 -28.21 -24.83 19.05
C GLU B 367 -26.97 -24.58 18.21
N GLU B 368 -26.93 -23.47 17.49
CA GLU B 368 -25.76 -23.28 16.63
C GLU B 368 -24.65 -22.32 17.10
N VAL B 369 -24.73 -21.86 18.35
CA VAL B 369 -23.58 -21.15 18.91
C VAL B 369 -23.16 -21.70 20.27
N THR B 370 -24.01 -21.45 21.27
CA THR B 370 -23.71 -21.84 22.66
C THR B 370 -23.25 -23.29 22.79
N LYS B 371 -24.04 -24.18 22.19
CA LYS B 371 -23.78 -25.59 22.25
C LYS B 371 -22.59 -26.01 21.35
N ARG B 372 -22.48 -25.41 20.17
CA ARG B 372 -21.34 -25.70 19.27
C ARG B 372 -20.03 -25.21 19.93
N LEU B 373 -20.13 -24.16 20.76
CA LEU B 373 -18.94 -23.69 21.52
C LEU B 373 -18.78 -24.48 22.82
N ASN B 374 -19.69 -25.41 23.03
CA ASN B 374 -19.67 -26.29 24.20
C ASN B 374 -19.88 -25.57 25.53
N LEU B 375 -20.38 -24.31 25.47
CA LEU B 375 -20.68 -23.57 26.69
C LEU B 375 -21.73 -24.25 27.59
N HIS B 376 -22.63 -25.04 27.02
CA HIS B 376 -23.68 -25.76 27.81
C HIS B 376 -23.07 -26.77 28.78
N ARG B 377 -21.81 -27.10 28.56
CA ARG B 377 -21.11 -28.02 29.47
C ARG B 377 -20.46 -27.35 30.70
N LEU B 378 -20.48 -26.02 30.72
CA LEU B 378 -19.81 -25.17 31.73
C LEU B 378 -20.77 -24.23 32.51
N LEU B 379 -22.08 -24.46 32.37
CA LEU B 379 -23.09 -23.57 32.94
C LEU B 379 -22.93 -23.27 34.43
N GLU B 380 -22.58 -24.29 35.20
CA GLU B 380 -22.46 -24.10 36.64
C GLU B 380 -21.11 -23.60 37.09
N SER B 381 -20.08 -23.65 36.23
CA SER B 381 -18.78 -23.08 36.58
C SER B 381 -18.84 -21.56 36.81
N ASN B 382 -18.05 -21.10 37.79
CA ASN B 382 -17.86 -19.68 37.97
C ASN B 382 -16.98 -19.13 36.83
N VAL B 383 -17.34 -17.96 36.29
CA VAL B 383 -16.56 -17.31 35.23
C VAL B 383 -15.05 -17.19 35.64
N ASN B 384 -14.77 -17.06 36.93
CA ASN B 384 -13.36 -16.98 37.41
C ASN B 384 -12.56 -18.27 37.29
N ASP B 385 -13.26 -19.40 37.24
CA ASP B 385 -12.62 -20.70 37.09
C ASP B 385 -12.35 -21.17 35.67
N LEU B 386 -12.80 -20.35 34.68
CA LEU B 386 -12.62 -20.67 33.27
C LEU B 386 -11.19 -20.44 32.77
N SER B 387 -10.71 -21.36 31.94
CA SER B 387 -9.43 -21.18 31.21
C SER B 387 -9.53 -20.02 30.13
N GLY B 388 -8.40 -19.65 29.51
CA GLY B 388 -8.37 -18.58 28.46
C GLY B 388 -9.28 -18.91 27.28
N GLY B 389 -9.24 -20.18 26.85
CA GLY B 389 -10.05 -20.69 25.74
C GLY B 389 -11.54 -20.66 26.07
N GLU B 390 -11.91 -21.06 27.31
CA GLU B 390 -13.30 -21.06 27.71
C GLU B 390 -13.84 -19.65 27.89
N LEU B 391 -13.02 -18.76 28.46
CA LEU B 391 -13.36 -17.31 28.53
C LEU B 391 -13.54 -16.74 27.16
N GLN B 392 -12.61 -17.02 26.27
CA GLN B 392 -12.68 -16.48 24.92
C GLN B 392 -14.01 -16.89 24.25
N LYS B 393 -14.37 -18.18 24.35
CA LYS B 393 -15.63 -18.70 23.80
C LYS B 393 -16.82 -18.07 24.48
N LEU B 394 -16.73 -17.93 25.80
CA LEU B 394 -17.80 -17.39 26.55
C LEU B 394 -18.07 -15.91 26.06
N TYR B 395 -17.02 -15.11 25.91
CA TYR B 395 -17.21 -13.69 25.55
C TYR B 395 -17.67 -13.61 24.10
N ILE B 396 -17.16 -14.49 23.23
CA ILE B 396 -17.62 -14.49 21.83
C ILE B 396 -19.11 -14.81 21.79
N ALA B 397 -19.53 -15.84 22.52
CA ALA B 397 -20.94 -16.23 22.52
C ALA B 397 -21.83 -15.10 22.99
N ALA B 398 -21.46 -14.50 24.12
CA ALA B 398 -22.18 -13.40 24.70
C ALA B 398 -22.24 -12.17 23.77
N THR B 399 -21.13 -11.86 23.12
CA THR B 399 -21.03 -10.74 22.14
C THR B 399 -22.03 -10.91 20.96
N LEU B 400 -22.15 -12.13 20.47
CA LEU B 400 -23.00 -12.50 19.34
C LEU B 400 -24.44 -12.59 19.77
N ALA B 401 -24.67 -12.81 21.07
CA ALA B 401 -26.04 -12.93 21.56
C ALA B 401 -26.72 -11.58 21.69
N LYS B 402 -25.95 -10.52 21.85
CA LYS B 402 -26.53 -9.19 21.90
C LYS B 402 -26.97 -8.90 20.45
N GLU B 403 -28.17 -8.39 20.31
CA GLU B 403 -28.68 -8.03 19.00
C GLU B 403 -28.12 -6.68 18.66
N ALA B 404 -27.36 -6.60 17.58
CA ALA B 404 -26.71 -5.34 17.30
C ALA B 404 -26.63 -5.08 15.81
N ASP B 405 -26.25 -3.85 15.48
CA ASP B 405 -26.09 -3.41 14.12
C ASP B 405 -24.62 -3.59 13.74
N LEU B 406 -23.74 -3.61 14.75
CA LEU B 406 -22.34 -3.60 14.54
C LEU B 406 -21.70 -4.52 15.57
N TYR B 407 -20.93 -5.52 15.08
CA TYR B 407 -20.15 -6.40 15.92
C TYR B 407 -18.68 -6.19 15.63
N VAL B 408 -17.87 -6.24 16.70
CA VAL B 408 -16.45 -5.99 16.57
C VAL B 408 -15.79 -6.98 17.46
N LEU B 409 -14.96 -7.89 16.86
CA LEU B 409 -14.34 -8.96 17.63
C LEU B 409 -12.85 -8.90 17.39
N ASP B 410 -12.12 -8.74 18.47
CA ASP B 410 -10.71 -8.45 18.36
C ASP B 410 -9.97 -9.72 18.75
N GLN B 411 -9.38 -10.35 17.74
CA GLN B 411 -8.53 -11.52 17.88
C GLN B 411 -9.29 -12.64 18.60
N PRO B 412 -10.44 -13.06 18.02
CA PRO B 412 -11.23 -14.08 18.69
C PRO B 412 -10.54 -15.47 18.56
N SER B 413 -9.58 -15.67 17.65
CA SER B 413 -8.91 -17.01 17.66
C SER B 413 -7.84 -17.22 18.78
N SER B 414 -7.39 -16.17 19.45
CA SER B 414 -6.43 -16.34 20.55
C SER B 414 -7.01 -17.36 21.56
N TYR B 415 -6.18 -18.33 22.00
CA TYR B 415 -6.53 -19.35 23.05
C TYR B 415 -7.45 -20.47 22.54
N LEU B 416 -7.87 -20.34 21.28
CA LEU B 416 -8.72 -21.32 20.67
C LEU B 416 -7.85 -22.38 19.95
N ASP B 417 -8.36 -23.60 19.96
CA ASP B 417 -7.73 -24.65 19.22
C ASP B 417 -8.27 -24.59 17.76
N VAL B 418 -7.79 -25.53 16.97
CA VAL B 418 -8.02 -25.55 15.55
C VAL B 418 -9.51 -25.79 15.17
N GLU B 419 -10.26 -26.55 15.98
CA GLU B 419 -11.67 -26.79 15.74
C GLU B 419 -12.51 -25.58 16.17
N GLU B 420 -12.21 -25.06 17.38
CA GLU B 420 -12.90 -23.92 17.97
C GLU B 420 -12.88 -22.68 17.09
N ARG B 421 -11.74 -22.40 16.44
CA ARG B 421 -11.62 -21.23 15.61
C ARG B 421 -12.63 -21.12 14.42
N TYR B 422 -12.90 -22.24 13.81
CA TYR B 422 -13.76 -22.30 12.65
C TYR B 422 -15.21 -22.38 13.15
N ILE B 423 -15.39 -22.99 14.33
CA ILE B 423 -16.75 -23.03 14.91
C ILE B 423 -17.21 -21.62 15.16
N VAL B 424 -16.34 -20.85 15.81
CA VAL B 424 -16.49 -19.41 16.06
C VAL B 424 -16.68 -18.59 14.76
N ALA B 425 -15.80 -18.78 13.79
CA ALA B 425 -15.96 -18.06 12.51
C ALA B 425 -17.34 -18.29 11.90
N LYS B 426 -17.77 -19.56 11.85
CA LYS B 426 -19.03 -19.89 11.27
C LYS B 426 -20.22 -19.23 12.03
N ALA B 427 -20.18 -19.21 13.37
CA ALA B 427 -21.18 -18.54 14.21
C ALA B 427 -21.20 -17.03 13.91
N ILE B 428 -20.02 -16.44 13.80
CA ILE B 428 -19.90 -15.01 13.48
C ILE B 428 -20.64 -14.67 12.21
N LYS B 429 -20.33 -15.42 11.15
CA LYS B 429 -20.98 -15.23 9.85
C LYS B 429 -22.51 -15.45 9.88
N ARG B 430 -22.95 -16.52 10.55
CA ARG B 430 -24.38 -16.80 10.66
C ARG B 430 -25.15 -15.65 11.36
N VAL B 431 -24.59 -15.22 12.50
CA VAL B 431 -25.16 -14.10 13.23
C VAL B 431 -25.16 -12.78 12.39
N THR B 432 -24.00 -12.34 11.91
CA THR B 432 -23.90 -11.13 11.03
C THR B 432 -24.97 -11.09 9.92
N ARG B 433 -25.03 -12.17 9.16
CA ARG B 433 -25.98 -12.37 8.08
C ARG B 433 -27.41 -12.30 8.59
N GLU B 434 -27.72 -13.03 9.65
CA GLU B 434 -29.09 -13.16 10.17
C GLU B 434 -29.60 -11.81 10.68
N ARG B 435 -28.71 -11.03 11.28
CA ARG B 435 -29.05 -9.74 11.83
C ARG B 435 -28.85 -8.61 10.82
N LYS B 436 -28.31 -8.94 9.64
CA LYS B 436 -28.02 -7.92 8.63
C LYS B 436 -27.15 -6.82 9.23
N ALA B 437 -26.22 -7.26 10.07
CA ALA B 437 -25.33 -6.43 10.83
C ALA B 437 -24.08 -6.17 10.01
N VAL B 438 -23.18 -5.31 10.50
CA VAL B 438 -21.81 -5.31 9.97
C VAL B 438 -20.87 -5.85 11.04
N THR B 439 -19.91 -6.68 10.66
CA THR B 439 -18.94 -7.24 11.59
C THR B 439 -17.53 -7.02 11.15
N PHE B 440 -16.69 -6.68 12.11
CA PHE B 440 -15.33 -6.44 11.86
C PHE B 440 -14.71 -7.44 12.71
N ILE B 441 -13.85 -8.26 12.10
CA ILE B 441 -13.09 -9.23 12.83
C ILE B 441 -11.58 -8.98 12.63
N ILE B 442 -10.88 -8.83 13.75
CA ILE B 442 -9.45 -8.67 13.73
C ILE B 442 -8.89 -10.04 14.03
N ASP B 443 -8.08 -10.55 13.13
CA ASP B 443 -7.48 -11.84 13.44
C ASP B 443 -6.17 -12.09 12.76
N HIS B 444 -5.34 -12.92 13.41
CA HIS B 444 -4.05 -13.34 12.88
C HIS B 444 -4.05 -14.62 12.14
N ASP B 445 -5.21 -15.28 12.08
CA ASP B 445 -5.29 -16.51 11.33
C ASP B 445 -5.78 -16.17 9.91
N LEU B 446 -4.91 -16.36 8.92
CA LEU B 446 -5.18 -16.06 7.52
C LEU B 446 -6.33 -16.89 6.94
N SER B 447 -6.42 -18.15 7.35
CA SER B 447 -7.49 -19.00 6.84
C SER B 447 -8.87 -18.56 7.32
N ILE B 448 -8.96 -18.08 8.55
CA ILE B 448 -10.19 -17.54 9.10
C ILE B 448 -10.75 -16.44 8.22
N HIS B 449 -9.92 -15.46 7.88
CA HIS B 449 -10.30 -14.43 6.91
C HIS B 449 -10.75 -14.96 5.59
N ASP B 450 -9.99 -15.94 5.05
CA ASP B 450 -10.38 -16.62 3.83
C ASP B 450 -11.78 -17.26 3.93
N TYR B 451 -12.04 -17.79 5.12
CA TYR B 451 -13.18 -18.64 5.35
C TYR B 451 -14.46 -17.78 5.45
N ILE B 452 -14.39 -16.65 6.13
CA ILE B 452 -15.58 -15.80 6.34
C ILE B 452 -15.55 -14.30 5.92
N ALA B 453 -14.37 -13.71 5.69
CA ALA B 453 -14.31 -12.27 5.34
C ALA B 453 -14.88 -12.03 3.94
N ASP B 454 -15.80 -11.09 3.80
CA ASP B 454 -16.27 -10.67 2.44
C ASP B 454 -15.27 -9.74 1.80
N ARG B 455 -14.67 -8.92 2.65
CA ARG B 455 -13.62 -7.97 2.27
C ARG B 455 -12.67 -7.83 3.44
N ILE B 456 -11.53 -7.20 3.18
CA ILE B 456 -10.47 -7.06 4.18
C ILE B 456 -9.88 -5.65 4.16
N ILE B 457 -9.46 -5.23 5.35
CA ILE B 457 -8.66 -4.07 5.58
C ILE B 457 -7.31 -4.56 6.03
N VAL B 458 -6.30 -4.26 5.21
CA VAL B 458 -4.91 -4.63 5.49
C VAL B 458 -4.12 -3.46 6.08
N PHE B 459 -3.53 -3.63 7.27
CA PHE B 459 -2.69 -2.63 7.94
C PHE B 459 -1.24 -2.91 7.63
N LYS B 460 -0.53 -1.85 7.25
CA LYS B 460 0.90 -1.89 6.93
C LYS B 460 1.57 -0.77 7.69
N GLY B 461 2.89 -0.85 7.81
CA GLY B 461 3.68 0.20 8.39
C GLY B 461 4.80 -0.27 9.28
N GLU B 462 5.17 0.58 10.24
CA GLU B 462 6.18 0.27 11.25
C GLU B 462 5.50 0.10 12.62
N PRO B 463 5.57 -1.11 13.21
CA PRO B 463 4.97 -1.31 14.52
C PRO B 463 5.41 -0.27 15.57
N GLU B 464 4.43 0.30 16.30
CA GLU B 464 4.61 1.35 17.33
C GLU B 464 4.93 2.74 16.77
N LYS B 465 5.00 2.90 15.46
CA LYS B 465 5.39 4.16 14.91
C LYS B 465 4.30 4.67 13.99
N ALA B 466 4.03 3.92 12.92
CA ALA B 466 3.06 4.36 11.95
C ALA B 466 2.36 3.18 11.31
N GLY B 467 1.04 3.27 11.23
CA GLY B 467 0.24 2.25 10.61
C GLY B 467 -0.75 2.92 9.67
N LEU B 468 -0.83 2.36 8.47
CA LEU B 468 -1.67 2.81 7.38
C LEU B 468 -2.53 1.65 6.97
N ALA B 469 -3.83 1.87 6.93
CA ALA B 469 -4.82 0.82 6.63
C ALA B 469 -5.56 1.15 5.33
N THR B 470 -5.81 0.10 4.54
CA THR B 470 -6.55 0.21 3.27
C THR B 470 -8.05 0.41 3.57
N SER B 471 -8.76 0.85 2.54
CA SER B 471 -10.20 0.67 2.41
C SER B 471 -10.50 -0.83 2.40
N PRO B 472 -11.72 -1.23 2.75
CA PRO B 472 -12.09 -2.64 2.63
C PRO B 472 -11.95 -3.05 1.14
N VAL B 473 -11.16 -4.07 0.85
CA VAL B 473 -11.05 -4.51 -0.55
C VAL B 473 -11.38 -6.00 -0.60
N THR B 474 -11.60 -6.52 -1.82
CA THR B 474 -11.74 -7.98 -2.00
C THR B 474 -10.50 -8.68 -1.44
N LEU B 475 -10.65 -9.95 -1.07
CA LEU B 475 -9.52 -10.77 -0.60
C LEU B 475 -8.34 -10.76 -1.57
N LYS B 476 -8.61 -10.99 -2.84
CA LYS B 476 -7.58 -10.98 -3.84
C LYS B 476 -6.83 -9.65 -3.81
N THR B 477 -7.54 -8.52 -3.94
CA THR B 477 -6.83 -7.23 -4.02
C THR B 477 -5.98 -7.10 -2.74
N GLY B 478 -6.62 -7.28 -1.59
CA GLY B 478 -5.97 -7.14 -0.30
C GLY B 478 -4.79 -8.06 -0.12
N MET B 479 -5.02 -9.35 -0.37
CA MET B 479 -3.99 -10.37 -0.15
C MET B 479 -2.85 -10.30 -1.13
N ASN B 480 -3.12 -9.92 -2.38
CA ASN B 480 -2.07 -9.84 -3.37
C ASN B 480 -0.93 -8.97 -2.87
N GLU B 481 -1.28 -7.83 -2.29
CA GLU B 481 -0.32 -6.85 -1.76
C GLU B 481 0.38 -7.32 -0.45
N PHE B 482 -0.42 -7.78 0.50
CA PHE B 482 0.10 -8.34 1.75
C PHE B 482 1.00 -9.59 1.49
N LEU B 483 0.63 -10.44 0.56
CA LEU B 483 1.47 -11.63 0.34
C LEU B 483 2.81 -11.27 -0.37
N ARG B 484 2.77 -10.22 -1.18
CA ARG B 484 3.97 -9.73 -1.88
C ARG B 484 5.06 -9.40 -0.87
N GLU B 485 4.70 -8.63 0.15
CA GLU B 485 5.70 -8.21 1.11
C GLU B 485 6.22 -9.38 1.95
N LEU B 486 5.43 -10.44 2.09
CA LEU B 486 5.87 -11.67 2.77
C LEU B 486 6.67 -12.57 1.86
N GLU B 487 6.58 -12.29 0.56
CA GLU B 487 7.12 -13.13 -0.49
C GLU B 487 6.60 -14.56 -0.44
N VAL B 488 5.30 -14.71 -0.18
CA VAL B 488 4.66 -16.02 -0.32
C VAL B 488 3.51 -15.94 -1.33
N THR B 489 3.24 -17.05 -2.02
CA THR B 489 2.12 -17.11 -2.97
C THR B 489 1.12 -18.21 -2.57
N PHE B 490 -0.19 -17.92 -2.73
CA PHE B 490 -1.27 -18.87 -2.44
C PHE B 490 -1.90 -19.35 -3.73
N ARG B 491 -2.33 -20.62 -3.73
CA ARG B 491 -3.11 -21.27 -4.78
C ARG B 491 -4.30 -21.90 -4.06
N ARG B 492 -5.25 -22.45 -4.80
CA ARG B 492 -6.49 -22.96 -4.18
C ARG B 492 -6.50 -24.45 -4.25
N ASP B 493 -6.84 -25.09 -3.14
CA ASP B 493 -7.12 -26.49 -3.16
C ASP B 493 -8.37 -26.75 -3.98
N ALA B 494 -8.31 -27.73 -4.88
CA ALA B 494 -9.45 -28.06 -5.75
C ALA B 494 -10.66 -28.56 -4.97
N GLU B 495 -10.42 -29.31 -3.91
CA GLU B 495 -11.51 -30.04 -3.30
C GLU B 495 -12.20 -29.25 -2.27
N THR B 496 -11.43 -28.70 -1.31
CA THR B 496 -11.96 -27.99 -0.22
C THR B 496 -12.02 -26.49 -0.50
N GLY B 497 -11.34 -26.02 -1.55
CA GLY B 497 -11.24 -24.58 -1.81
C GLY B 497 -10.31 -23.77 -0.90
N ARG B 498 -9.65 -24.44 0.03
CA ARG B 498 -8.90 -23.70 1.06
C ARG B 498 -7.61 -23.07 0.45
N PRO B 499 -7.09 -21.96 1.00
CA PRO B 499 -5.78 -21.52 0.43
C PRO B 499 -4.68 -22.53 0.75
N ARG B 500 -3.87 -22.84 -0.25
CA ARG B 500 -2.65 -23.61 -0.10
C ARG B 500 -1.54 -22.64 -0.38
N VAL B 501 -0.64 -22.49 0.58
CA VAL B 501 0.59 -21.74 0.34
C VAL B 501 1.64 -22.54 -0.44
N ASN B 502 2.32 -21.87 -1.36
CA ASN B 502 3.45 -22.47 -2.05
C ASN B 502 4.69 -22.35 -1.20
N LYS B 503 5.40 -23.45 -1.02
CA LYS B 503 6.71 -23.45 -0.36
C LYS B 503 7.70 -22.72 -1.26
N ILE B 504 8.53 -21.88 -0.65
CA ILE B 504 9.34 -20.92 -1.42
C ILE B 504 10.38 -21.64 -2.25
N GLY B 505 10.67 -21.08 -3.42
CA GLY B 505 11.54 -21.73 -4.38
C GLY B 505 10.86 -22.86 -5.13
N SER B 506 9.65 -23.24 -4.70
CA SER B 506 8.85 -24.20 -5.48
C SER B 506 8.60 -23.61 -6.89
N TYR B 507 8.18 -24.45 -7.82
CA TYR B 507 7.96 -24.04 -9.20
C TYR B 507 6.79 -23.05 -9.34
N LEU B 508 5.61 -23.47 -8.85
CA LEU B 508 4.42 -22.63 -8.80
C LEU B 508 4.68 -21.28 -8.11
N ASP B 509 5.48 -21.31 -7.05
CA ASP B 509 5.95 -20.10 -6.37
C ASP B 509 6.61 -19.18 -7.38
N ARG B 510 7.59 -19.73 -8.12
CA ARG B 510 8.38 -18.95 -9.09
C ARG B 510 7.51 -18.37 -10.21
N VAL B 511 6.65 -19.20 -10.79
CA VAL B 511 5.72 -18.74 -11.84
C VAL B 511 4.72 -17.68 -11.35
N GLN B 512 4.10 -17.91 -10.18
CA GLN B 512 3.18 -16.91 -9.62
C GLN B 512 3.88 -15.58 -9.33
N LYS B 513 5.09 -15.66 -8.78
CA LYS B 513 5.88 -14.46 -8.53
C LYS B 513 6.22 -13.74 -9.87
N GLU B 514 6.69 -14.50 -10.86
CA GLU B 514 6.97 -13.92 -12.19
C GLU B 514 5.74 -13.27 -12.82
N ARG B 515 4.55 -13.63 -12.33
CA ARG B 515 3.27 -13.17 -12.85
C ARG B 515 2.69 -11.96 -12.09
N GLY B 516 3.09 -11.76 -10.84
CA GLY B 516 2.48 -10.74 -9.99
C GLY B 516 1.20 -11.23 -9.33
N ASP B 517 1.02 -12.54 -9.31
CA ASP B 517 -0.25 -13.15 -8.93
C ASP B 517 -0.07 -13.92 -7.61
N TYR B 518 0.01 -13.19 -6.51
CA TYR B 518 0.33 -13.78 -5.20
C TYR B 518 -0.82 -14.56 -4.56
N TYR B 519 -2.03 -14.02 -4.66
CA TYR B 519 -3.21 -14.70 -4.20
C TYR B 519 -4.00 -15.15 -5.43
N SER B 520 -3.71 -16.39 -5.83
CA SER B 520 -4.24 -17.00 -7.04
C SER B 520 -5.54 -17.75 -6.80
N MET B 521 -6.45 -17.63 -7.76
CA MET B 521 -7.75 -18.33 -7.76
C MET B 521 -7.64 -19.68 -8.45
N VAL B 522 -6.53 -19.90 -9.14
CA VAL B 522 -6.32 -21.14 -9.85
C VAL B 522 -6.34 -22.34 -8.89
N LEU B 523 -6.98 -23.40 -9.37
CA LEU B 523 -7.03 -24.69 -8.70
C LEU B 523 -5.72 -25.43 -8.89
N SER B 524 -5.14 -25.82 -7.74
CA SER B 524 -3.78 -26.34 -7.65
C SER B 524 -3.46 -27.47 -8.62
N THR B 525 -2.22 -27.43 -9.12
CA THR B 525 -1.71 -28.37 -10.12
C THR B 525 -1.48 -29.78 -9.54
N GLN B 526 -1.60 -29.93 -8.22
CA GLN B 526 -1.33 -31.20 -7.52
C GLN B 526 -2.20 -31.33 -6.25
MG MG C . 9.45 18.11 -1.13
MG MG D . 1.51 32.09 -19.46
PB ADP E . 7.43 16.26 0.56
O1B ADP E . 8.81 16.47 -0.10
O2B ADP E . 6.92 14.91 0.29
O3B ADP E . 6.45 17.35 0.37
PA ADP E . 8.79 16.67 3.17
O1A ADP E . 9.81 15.61 3.44
O2A ADP E . 9.06 18.18 2.93
O3A ADP E . 7.55 16.23 2.18
O5' ADP E . 7.90 16.84 4.43
C5' ADP E . 7.45 15.78 5.26
C4' ADP E . 6.66 16.37 6.44
O4' ADP E . 7.62 16.70 7.48
C3' ADP E . 5.92 17.64 6.11
O3' ADP E . 4.65 17.65 6.82
C2' ADP E . 6.79 18.75 6.71
O2' ADP E . 6.02 19.84 7.21
C1' ADP E . 7.49 18.08 7.88
N9 ADP E . 8.88 18.57 8.05
C8 ADP E . 9.85 18.72 7.09
N7 ADP E . 10.98 19.14 7.67
C5 ADP E . 10.73 19.21 9.00
C6 ADP E . 11.49 19.57 10.12
N6 ADP E . 12.77 19.96 10.00
N1 ADP E . 10.91 19.58 11.33
C2 ADP E . 9.63 19.18 11.51
N3 ADP E . 8.86 18.82 10.46
C4 ADP E . 9.41 18.84 9.22
PB ADP F . 3.22 32.42 -22.31
O1B ADP F . 1.93 32.46 -21.53
O2B ADP F . 3.11 31.57 -23.48
O3B ADP F . 4.46 32.15 -21.43
PA ADP F . 2.75 35.33 -22.63
O1A ADP F . 1.48 35.43 -23.44
O2A ADP F . 2.59 35.55 -21.15
O3A ADP F . 3.50 33.90 -22.92
O5' ADP F . 3.91 36.26 -23.14
C5' ADP F . 4.37 36.26 -24.51
C4' ADP F . 5.40 37.36 -24.67
O4' ADP F . 4.76 38.66 -24.62
C3' ADP F . 6.52 37.43 -23.63
O3' ADP F . 7.47 38.25 -24.29
C2' ADP F . 5.90 38.40 -22.64
O2' ADP F . 6.85 39.04 -21.79
C1' ADP F . 5.38 39.45 -23.58
N9 ADP F . 4.43 40.35 -22.86
C8 ADP F . 3.40 39.92 -22.10
N7 ADP F . 2.77 41.00 -21.61
C5 ADP F . 3.41 42.11 -22.04
C6 ADP F . 3.18 43.47 -21.86
N6 ADP F . 2.14 43.86 -21.08
N1 ADP F . 3.99 44.38 -22.44
C2 ADP F . 5.03 43.96 -23.20
N3 ADP F . 5.27 42.64 -23.40
C4 ADP F . 4.47 41.70 -22.83
P PO4 G . 8.64 23.74 -5.78
O1 PO4 G . 9.28 22.54 -6.49
O2 PO4 G . 9.65 24.86 -5.79
O3 PO4 G . 7.34 24.11 -6.46
O4 PO4 G . 8.34 23.38 -4.32
MG MG H . -4.61 -5.51 19.02
MG MG I . -0.76 -29.32 23.98
PB ADP J . -2.47 -3.81 17.32
O1B ADP J . -3.93 -4.00 17.78
O2B ADP J . -2.32 -3.76 15.83
O3B ADP J . -1.40 -4.55 18.07
PA ADP J . -2.71 -1.24 18.79
O1A ADP J . -3.71 -0.30 18.18
O2A ADP J . -2.95 -1.86 20.14
O3A ADP J . -2.14 -2.25 17.68
O5' ADP J . -1.43 -0.35 19.16
C5' ADP J . -0.88 0.65 18.29
C4' ADP J . 0.25 1.42 18.98
O4' ADP J . -0.24 2.47 19.86
C3' ADP J . 1.23 0.61 19.79
O3' ADP J . 2.41 1.39 19.78
C2' ADP J . 0.72 0.80 21.20
O2' ADP J . 1.78 0.51 22.10
C1' ADP J . 0.31 2.28 21.17
N9 ADP J . -0.75 2.59 22.16
C8 ADP J . -1.90 1.92 22.34
N7 ADP J . -2.62 2.49 23.31
C5 ADP J . -1.92 3.56 23.74
C6 ADP J . -2.15 4.52 24.72
N6 ADP J . -3.28 4.49 25.46
N1 ADP J . -1.22 5.48 24.91
C2 ADP J . -0.08 5.52 24.21
N3 ADP J . 0.17 4.62 23.26
C4 ADP J . -0.74 3.62 23.01
PB ADP K . -3.20 -31.44 23.82
O1B ADP K . -1.73 -31.10 23.68
O2B ADP K . -3.88 -32.14 22.66
O3B ADP K . -3.98 -30.17 24.21
PA ADP K . -2.27 -32.89 26.25
O1A ADP K . -1.49 -34.05 25.64
O2A ADP K . -1.47 -31.78 26.79
O3A ADP K . -3.34 -32.39 25.10
O5' ADP K . -3.12 -33.64 27.37
C5' ADP K . -4.13 -34.59 27.01
C4' ADP K . -4.98 -34.77 28.28
O4' ADP K . -4.15 -35.40 29.27
C3' ADP K . -5.54 -33.48 28.88
O3' ADP K . -6.73 -33.86 29.57
C2' ADP K . -4.57 -33.26 30.00
O2' ADP K . -5.07 -32.50 31.10
C1' ADP K . -4.17 -34.65 30.48
N9 ADP K . -2.84 -34.53 31.06
C8 ADP K . -1.80 -33.93 30.49
N7 ADP K . -0.74 -34.00 31.33
C5 ADP K . -1.16 -34.61 32.45
C6 ADP K . -0.51 -34.99 33.63
N6 ADP K . 0.79 -34.69 33.79
N1 ADP K . -1.21 -35.63 34.59
C2 ADP K . -2.51 -35.96 34.40
N3 ADP K . -3.15 -35.62 33.25
C4 ADP K . -2.49 -34.95 32.28
#